data_1IUY
#
_entry.id   1IUY
#
_cell.length_a   1.000
_cell.length_b   1.000
_cell.length_c   1.000
_cell.angle_alpha   90.00
_cell.angle_beta   90.00
_cell.angle_gamma   90.00
#
_symmetry.space_group_name_H-M   'P 1'
#
_entity_poly.entity_id   1
_entity_poly.type   'polypeptide(L)'
_entity_poly.pdbx_seq_one_letter_code
;MAAKQGESDPERKETRQKVDDDRKHEIEAAIVRIMKSRKKMQHNVLVAEVTQQLKARFLPSPVVIKKRIEGLIEREYLAR
TPEDRKVYTYVA
;
_entity_poly.pdbx_strand_id   A
#
# COMPACT_ATOMS: atom_id res chain seq x y z
N MET A 1 59.91 -21.79 -5.93
CA MET A 1 58.58 -21.37 -5.47
C MET A 1 57.68 -22.58 -5.22
N ALA A 2 56.51 -22.34 -4.67
CA ALA A 2 55.56 -23.40 -4.37
C ALA A 2 54.13 -22.96 -4.66
N ALA A 3 53.41 -23.75 -5.45
CA ALA A 3 52.04 -23.44 -5.79
C ALA A 3 51.06 -23.96 -4.73
N LYS A 4 50.97 -25.29 -4.63
CA LYS A 4 50.08 -25.92 -3.66
C LYS A 4 48.63 -25.54 -3.92
N GLN A 5 47.72 -26.42 -3.52
CA GLN A 5 46.29 -26.18 -3.71
C GLN A 5 45.60 -25.91 -2.38
N GLY A 6 44.27 -25.89 -2.40
CA GLY A 6 43.51 -25.65 -1.18
C GLY A 6 42.16 -26.34 -1.20
N GLU A 7 41.19 -25.76 -0.50
CA GLU A 7 39.85 -26.32 -0.43
C GLU A 7 38.80 -25.27 -0.76
N SER A 8 38.52 -25.11 -2.06
CA SER A 8 37.53 -24.12 -2.50
C SER A 8 36.19 -24.80 -2.80
N ASP A 9 35.11 -24.05 -2.66
CA ASP A 9 33.77 -24.57 -2.91
C ASP A 9 32.72 -23.49 -2.71
N PRO A 10 32.60 -22.95 -1.48
CA PRO A 10 31.63 -21.91 -1.16
C PRO A 10 31.98 -20.57 -1.79
N GLU A 11 31.04 -20.01 -2.55
CA GLU A 11 31.26 -18.73 -3.21
C GLU A 11 29.96 -18.19 -3.80
N ARG A 12 28.86 -18.39 -3.07
CA ARG A 12 27.55 -17.92 -3.52
C ARG A 12 27.44 -16.40 -3.41
N LYS A 13 27.96 -15.87 -2.32
CA LYS A 13 27.92 -14.42 -2.08
C LYS A 13 26.48 -13.91 -2.03
N GLU A 14 25.66 -14.59 -1.23
CA GLU A 14 24.27 -14.21 -1.07
C GLU A 14 24.03 -13.50 0.26
N THR A 15 22.89 -12.84 0.37
CA THR A 15 22.54 -12.12 1.60
C THR A 15 21.07 -12.31 1.94
N ARG A 16 20.19 -11.94 1.00
CA ARG A 16 18.76 -12.06 1.21
C ARG A 16 18.30 -11.25 2.42
N GLN A 17 18.21 -9.94 2.23
CA GLN A 17 17.79 -9.04 3.30
C GLN A 17 16.45 -8.40 2.98
N LYS A 18 16.25 -8.07 1.70
CA LYS A 18 14.99 -7.45 1.26
C LYS A 18 14.64 -7.91 -0.14
N VAL A 19 13.86 -8.99 -0.22
CA VAL A 19 13.43 -9.54 -1.51
C VAL A 19 12.19 -8.82 -2.02
N ASP A 20 11.08 -8.97 -1.30
CA ASP A 20 9.83 -8.33 -1.68
C ASP A 20 9.36 -7.37 -0.60
N ASP A 21 8.25 -6.66 -0.87
CA ASP A 21 7.71 -5.71 0.07
C ASP A 21 6.24 -6.01 0.36
N ASP A 22 5.59 -5.12 1.12
CA ASP A 22 4.18 -5.29 1.46
C ASP A 22 3.68 -4.11 2.29
N ARG A 23 4.52 -3.63 3.20
CA ARG A 23 4.16 -2.51 4.06
C ARG A 23 3.76 -1.29 3.22
N LYS A 24 4.46 -1.08 2.11
CA LYS A 24 4.16 0.04 1.23
C LYS A 24 3.31 -0.40 0.05
N HIS A 25 2.48 -1.42 0.28
CA HIS A 25 1.60 -1.94 -0.77
C HIS A 25 0.21 -2.22 -0.22
N GLU A 26 0.15 -2.84 0.96
CA GLU A 26 -1.12 -3.17 1.60
C GLU A 26 -2.01 -1.94 1.72
N ILE A 27 -1.39 -0.78 1.94
CA ILE A 27 -2.11 0.46 2.08
C ILE A 27 -2.61 0.97 0.72
N GLU A 28 -1.87 0.64 -0.33
CA GLU A 28 -2.23 1.06 -1.68
C GLU A 28 -3.47 0.31 -2.17
N ALA A 29 -3.54 -0.98 -1.85
CA ALA A 29 -4.68 -1.80 -2.25
C ALA A 29 -5.94 -1.39 -1.50
N ALA A 30 -5.76 -0.95 -0.27
CA ALA A 30 -6.89 -0.54 0.56
C ALA A 30 -7.57 0.70 -0.02
N ILE A 31 -6.77 1.63 -0.52
CA ILE A 31 -7.30 2.86 -1.11
C ILE A 31 -8.07 2.56 -2.39
N VAL A 32 -7.62 1.54 -3.12
CA VAL A 32 -8.27 1.16 -4.36
C VAL A 32 -9.60 0.47 -4.10
N ARG A 33 -9.64 -0.37 -3.08
CA ARG A 33 -10.85 -1.09 -2.71
C ARG A 33 -11.95 -0.13 -2.26
N ILE A 34 -11.55 0.87 -1.49
CA ILE A 34 -12.51 1.86 -0.98
C ILE A 34 -12.98 2.79 -2.09
N MET A 35 -12.03 3.30 -2.88
CA MET A 35 -12.36 4.21 -3.97
C MET A 35 -13.22 3.51 -5.03
N LYS A 36 -13.14 2.18 -5.08
CA LYS A 36 -13.91 1.42 -6.05
C LYS A 36 -15.37 1.30 -5.62
N SER A 37 -15.61 1.28 -4.31
CA SER A 37 -16.96 1.17 -3.78
C SER A 37 -17.52 2.53 -3.40
N ARG A 38 -16.65 3.41 -2.92
CA ARG A 38 -17.05 4.75 -2.51
C ARG A 38 -17.01 5.71 -3.69
N LYS A 39 -16.10 5.46 -4.63
CA LYS A 39 -15.95 6.31 -5.81
C LYS A 39 -15.40 7.68 -5.43
N LYS A 40 -16.20 8.45 -4.71
CA LYS A 40 -15.80 9.79 -4.29
C LYS A 40 -15.61 9.85 -2.78
N MET A 41 -14.47 10.37 -2.35
CA MET A 41 -14.17 10.48 -0.91
C MET A 41 -13.12 11.55 -0.67
N GLN A 42 -13.25 12.24 0.46
CA GLN A 42 -12.30 13.30 0.82
C GLN A 42 -10.95 12.72 1.19
N HIS A 43 -9.99 13.59 1.47
CA HIS A 43 -8.64 13.16 1.83
C HIS A 43 -8.62 12.56 3.24
N ASN A 44 -9.05 13.36 4.22
CA ASN A 44 -9.08 12.91 5.61
C ASN A 44 -9.93 11.64 5.76
N VAL A 45 -11.10 11.66 5.15
CA VAL A 45 -12.00 10.51 5.21
C VAL A 45 -11.35 9.26 4.64
N LEU A 46 -10.61 9.44 3.55
CA LEU A 46 -9.92 8.32 2.91
C LEU A 46 -8.78 7.82 3.78
N VAL A 47 -8.07 8.75 4.42
CA VAL A 47 -6.95 8.41 5.28
C VAL A 47 -7.44 7.75 6.57
N ALA A 48 -8.43 8.37 7.21
CA ALA A 48 -8.99 7.84 8.45
C ALA A 48 -9.54 6.42 8.25
N GLU A 49 -10.07 6.17 7.06
CA GLU A 49 -10.63 4.87 6.73
C GLU A 49 -9.52 3.83 6.53
N VAL A 50 -8.57 4.14 5.66
CA VAL A 50 -7.47 3.24 5.37
C VAL A 50 -6.60 3.03 6.60
N THR A 51 -6.34 4.10 7.33
CA THR A 51 -5.51 4.05 8.54
C THR A 51 -6.17 3.17 9.60
N GLN A 52 -7.50 3.11 9.60
CA GLN A 52 -8.24 2.32 10.57
C GLN A 52 -8.49 0.91 10.05
N GLN A 53 -8.50 0.75 8.73
CA GLN A 53 -8.72 -0.54 8.11
C GLN A 53 -7.46 -1.42 8.16
N LEU A 54 -6.31 -0.77 8.35
CA LEU A 54 -5.04 -1.50 8.41
C LEU A 54 -4.39 -1.37 9.79
N LYS A 55 -5.16 -1.64 10.83
CA LYS A 55 -4.66 -1.55 12.19
C LYS A 55 -4.48 -2.93 12.81
N ALA A 56 -5.26 -3.89 12.32
CA ALA A 56 -5.19 -5.27 12.83
C ALA A 56 -3.78 -5.83 12.70
N ARG A 57 -3.08 -5.40 11.66
CA ARG A 57 -1.71 -5.87 11.43
C ARG A 57 -0.69 -4.90 12.03
N PHE A 58 -0.56 -3.73 11.42
CA PHE A 58 0.37 -2.71 11.89
C PHE A 58 -0.31 -1.35 12.01
N LEU A 59 0.46 -0.35 12.40
CA LEU A 59 -0.07 1.01 12.56
C LEU A 59 0.43 1.91 11.43
N PRO A 60 -0.27 1.90 10.28
CA PRO A 60 0.11 2.72 9.13
C PRO A 60 -0.15 4.20 9.38
N SER A 61 0.66 5.05 8.75
CA SER A 61 0.52 6.49 8.90
C SER A 61 0.10 7.14 7.58
N PRO A 62 -0.71 8.22 7.64
CA PRO A 62 -1.17 8.92 6.44
C PRO A 62 -0.03 9.31 5.52
N VAL A 63 1.16 9.48 6.09
CA VAL A 63 2.35 9.86 5.32
C VAL A 63 2.47 9.03 4.05
N VAL A 64 2.70 7.74 4.20
CA VAL A 64 2.83 6.84 3.06
C VAL A 64 1.57 6.84 2.22
N ILE A 65 0.42 7.05 2.87
CA ILE A 65 -0.86 7.07 2.19
C ILE A 65 -0.94 8.26 1.23
N LYS A 66 -0.58 9.44 1.74
CA LYS A 66 -0.60 10.65 0.94
C LYS A 66 0.30 10.52 -0.29
N LYS A 67 1.44 9.87 -0.11
CA LYS A 67 2.39 9.66 -1.20
C LYS A 67 1.88 8.59 -2.17
N ARG A 68 1.33 7.52 -1.60
CA ARG A 68 0.81 6.42 -2.42
C ARG A 68 -0.32 6.92 -3.33
N ILE A 69 -1.23 7.70 -2.77
CA ILE A 69 -2.34 8.24 -3.54
C ILE A 69 -1.85 9.22 -4.60
N GLU A 70 -0.82 9.98 -4.25
CA GLU A 70 -0.25 10.96 -5.18
C GLU A 70 0.20 10.27 -6.47
N GLY A 71 0.62 9.02 -6.36
CA GLY A 71 1.07 8.28 -7.52
C GLY A 71 -0.09 7.72 -8.32
N LEU A 72 -1.14 7.32 -7.62
CA LEU A 72 -2.32 6.76 -8.28
C LEU A 72 -2.95 7.78 -9.22
N ILE A 73 -3.08 9.01 -8.75
CA ILE A 73 -3.66 10.08 -9.56
C ILE A 73 -2.89 10.25 -10.86
N GLU A 74 -1.57 10.16 -10.77
CA GLU A 74 -0.72 10.30 -11.94
C GLU A 74 -0.76 9.04 -12.80
N ARG A 75 -1.16 7.92 -12.19
CA ARG A 75 -1.24 6.66 -12.91
C ARG A 75 -2.64 6.43 -13.47
N GLU A 76 -3.43 7.49 -13.55
CA GLU A 76 -4.80 7.40 -14.07
C GLU A 76 -5.67 6.51 -13.18
N TYR A 77 -5.35 6.47 -11.90
CA TYR A 77 -6.12 5.67 -10.95
C TYR A 77 -7.13 6.53 -10.20
N LEU A 78 -6.63 7.57 -9.54
CA LEU A 78 -7.49 8.48 -8.79
C LEU A 78 -7.49 9.87 -9.41
N ALA A 79 -8.24 10.78 -8.81
CA ALA A 79 -8.32 12.15 -9.31
C ALA A 79 -8.84 13.10 -8.23
N ARG A 80 -8.81 14.40 -8.53
CA ARG A 80 -9.27 15.40 -7.59
C ARG A 80 -10.41 16.23 -8.19
N THR A 81 -11.29 16.72 -7.34
CA THR A 81 -12.44 17.52 -7.79
C THR A 81 -11.98 18.94 -8.15
N PRO A 82 -12.73 19.62 -9.04
CA PRO A 82 -12.41 20.97 -9.47
C PRO A 82 -12.63 22.00 -8.36
N GLU A 83 -13.59 21.73 -7.49
CA GLU A 83 -13.90 22.61 -6.39
C GLU A 83 -12.75 22.66 -5.38
N ASP A 84 -12.52 21.53 -4.71
CA ASP A 84 -11.45 21.43 -3.73
C ASP A 84 -10.45 20.35 -4.12
N ARG A 85 -9.20 20.50 -3.66
CA ARG A 85 -8.15 19.53 -3.97
C ARG A 85 -8.18 18.38 -2.95
N LYS A 86 -8.57 18.69 -1.73
CA LYS A 86 -8.64 17.68 -0.68
C LYS A 86 -9.58 16.54 -1.07
N VAL A 87 -10.56 16.85 -1.92
CA VAL A 87 -11.51 15.85 -2.37
C VAL A 87 -10.96 15.03 -3.52
N TYR A 88 -11.16 13.72 -3.48
CA TYR A 88 -10.68 12.82 -4.51
C TYR A 88 -11.84 12.15 -5.24
N THR A 89 -11.53 11.50 -6.37
CA THR A 89 -12.56 10.82 -7.15
C THR A 89 -11.95 9.67 -7.94
N TYR A 90 -12.58 8.50 -7.84
CA TYR A 90 -12.10 7.31 -8.54
C TYR A 90 -12.23 7.49 -10.05
N VAL A 91 -11.16 7.21 -10.78
CA VAL A 91 -11.17 7.34 -12.23
C VAL A 91 -10.41 6.18 -12.88
N ALA A 92 -10.45 5.02 -12.25
CA ALA A 92 -9.77 3.84 -12.78
C ALA A 92 -10.76 2.87 -13.42
N MET A 1 17.36 -50.22 32.37
CA MET A 1 16.52 -50.62 31.24
C MET A 1 15.04 -50.42 31.56
N ALA A 2 14.24 -50.20 30.53
CA ALA A 2 12.82 -50.00 30.70
C ALA A 2 12.53 -48.78 31.57
N ALA A 3 11.30 -48.27 31.49
CA ALA A 3 10.90 -47.10 32.27
C ALA A 3 11.75 -45.89 31.92
N LYS A 4 11.24 -45.06 31.02
CA LYS A 4 11.96 -43.86 30.59
C LYS A 4 10.99 -42.78 30.12
N GLN A 5 11.06 -41.62 30.75
CA GLN A 5 10.18 -40.51 30.39
C GLN A 5 10.88 -39.17 30.61
N GLY A 6 10.90 -38.34 29.57
CA GLY A 6 11.54 -37.04 29.67
C GLY A 6 11.38 -36.22 28.41
N GLU A 7 12.48 -36.01 27.70
CA GLU A 7 12.46 -35.23 26.46
C GLU A 7 12.01 -33.80 26.72
N SER A 8 12.47 -32.88 25.90
CA SER A 8 12.12 -31.46 26.04
C SER A 8 12.58 -30.66 24.83
N ASP A 9 11.66 -30.43 23.90
CA ASP A 9 11.95 -29.68 22.69
C ASP A 9 11.14 -28.39 22.63
N PRO A 10 11.56 -27.36 23.35
CA PRO A 10 10.87 -26.07 23.39
C PRO A 10 11.00 -25.31 22.07
N GLU A 11 10.15 -24.29 21.89
CA GLU A 11 10.18 -23.49 20.68
C GLU A 11 9.89 -24.35 19.44
N ARG A 12 8.74 -24.14 18.84
CA ARG A 12 8.35 -24.90 17.65
C ARG A 12 8.41 -24.01 16.40
N LYS A 13 9.40 -24.27 15.55
CA LYS A 13 9.57 -23.50 14.32
C LYS A 13 9.86 -22.04 14.63
N GLU A 14 10.78 -21.44 13.87
CA GLU A 14 11.15 -20.05 14.06
C GLU A 14 11.70 -19.45 12.77
N THR A 15 11.02 -19.73 11.66
CA THR A 15 11.43 -19.21 10.36
C THR A 15 10.24 -19.11 9.42
N ARG A 16 9.13 -18.61 9.92
CA ARG A 16 7.92 -18.46 9.12
C ARG A 16 7.68 -16.99 8.78
N GLN A 17 8.75 -16.24 8.63
CA GLN A 17 8.66 -14.82 8.31
C GLN A 17 8.96 -14.59 6.82
N LYS A 18 8.21 -13.69 6.20
CA LYS A 18 8.40 -13.37 4.79
C LYS A 18 7.72 -12.05 4.43
N VAL A 19 8.52 -11.10 3.97
CA VAL A 19 8.00 -9.78 3.59
C VAL A 19 8.49 -9.38 2.22
N ASP A 20 9.79 -9.10 2.11
CA ASP A 20 10.39 -8.70 0.84
C ASP A 20 9.66 -7.50 0.24
N ASP A 21 9.79 -6.35 0.91
CA ASP A 21 9.15 -5.13 0.44
C ASP A 21 7.63 -5.30 0.38
N ASP A 22 6.99 -5.31 1.54
CA ASP A 22 5.54 -5.47 1.63
C ASP A 22 4.94 -4.46 2.59
N ARG A 23 5.62 -3.33 2.76
CA ARG A 23 5.14 -2.28 3.66
C ARG A 23 4.50 -1.14 2.88
N LYS A 24 5.01 -0.90 1.68
CA LYS A 24 4.48 0.16 0.82
C LYS A 24 3.70 -0.42 -0.34
N HIS A 25 2.73 -1.28 -0.04
CA HIS A 25 1.90 -1.90 -1.05
C HIS A 25 0.52 -2.24 -0.50
N GLU A 26 0.49 -2.85 0.68
CA GLU A 26 -0.77 -3.22 1.32
C GLU A 26 -1.65 -2.00 1.53
N ILE A 27 -1.04 -0.88 1.90
CA ILE A 27 -1.77 0.36 2.13
C ILE A 27 -2.27 0.96 0.82
N GLU A 28 -1.45 0.85 -0.22
CA GLU A 28 -1.80 1.38 -1.53
C GLU A 28 -3.06 0.72 -2.07
N ALA A 29 -3.15 -0.59 -1.91
CA ALA A 29 -4.32 -1.35 -2.36
C ALA A 29 -5.56 -0.96 -1.58
N ALA A 30 -5.38 -0.64 -0.30
CA ALA A 30 -6.48 -0.24 0.55
C ALA A 30 -7.19 0.99 0.00
N ILE A 31 -6.41 1.91 -0.57
CA ILE A 31 -6.96 3.14 -1.13
C ILE A 31 -7.77 2.84 -2.39
N VAL A 32 -7.20 2.04 -3.29
CA VAL A 32 -7.88 1.69 -4.53
C VAL A 32 -9.09 0.81 -4.26
N ARG A 33 -9.02 0.02 -3.19
CA ARG A 33 -10.12 -0.88 -2.82
C ARG A 33 -11.33 -0.08 -2.37
N ILE A 34 -11.12 0.84 -1.43
CA ILE A 34 -12.21 1.66 -0.91
C ILE A 34 -12.72 2.62 -1.97
N MET A 35 -11.80 3.25 -2.69
CA MET A 35 -12.16 4.19 -3.75
C MET A 35 -13.01 3.52 -4.82
N LYS A 36 -12.89 2.20 -4.92
CA LYS A 36 -13.65 1.44 -5.91
C LYS A 36 -15.13 1.33 -5.51
N SER A 37 -15.37 1.13 -4.21
CA SER A 37 -16.72 1.00 -3.69
C SER A 37 -17.29 2.35 -3.30
N ARG A 38 -16.50 3.14 -2.57
CA ARG A 38 -16.93 4.46 -2.11
C ARG A 38 -16.92 5.47 -3.26
N LYS A 39 -16.11 5.18 -4.29
CA LYS A 39 -16.00 6.06 -5.45
C LYS A 39 -15.40 7.41 -5.06
N LYS A 40 -16.21 8.26 -4.42
CA LYS A 40 -15.75 9.57 -3.99
C LYS A 40 -15.41 9.57 -2.51
N MET A 41 -14.17 9.94 -2.19
CA MET A 41 -13.71 9.98 -0.81
C MET A 41 -12.79 11.18 -0.57
N GLN A 42 -12.98 11.84 0.56
CA GLN A 42 -12.17 13.01 0.91
C GLN A 42 -10.78 12.58 1.38
N HIS A 43 -9.94 13.55 1.71
CA HIS A 43 -8.58 13.28 2.17
C HIS A 43 -8.60 12.64 3.57
N ASN A 44 -9.29 13.30 4.49
CA ASN A 44 -9.38 12.80 5.86
C ASN A 44 -10.16 11.49 5.92
N VAL A 45 -11.26 11.43 5.17
CA VAL A 45 -12.09 10.24 5.14
C VAL A 45 -11.30 9.03 4.67
N LEU A 46 -10.55 9.20 3.57
CA LEU A 46 -9.75 8.11 3.02
C LEU A 46 -8.67 7.69 4.01
N VAL A 47 -8.12 8.65 4.73
CA VAL A 47 -7.08 8.37 5.72
C VAL A 47 -7.65 7.73 6.97
N ALA A 48 -8.75 8.28 7.46
CA ALA A 48 -9.41 7.77 8.66
C ALA A 48 -9.91 6.34 8.44
N GLU A 49 -10.22 6.01 7.20
CA GLU A 49 -10.72 4.68 6.87
C GLU A 49 -9.57 3.68 6.74
N VAL A 50 -8.62 4.00 5.86
CA VAL A 50 -7.47 3.12 5.64
C VAL A 50 -6.70 2.89 6.93
N THR A 51 -6.35 3.96 7.63
CA THR A 51 -5.61 3.88 8.87
C THR A 51 -6.35 3.03 9.89
N GLN A 52 -7.63 3.33 10.09
CA GLN A 52 -8.45 2.60 11.04
C GLN A 52 -8.72 1.18 10.56
N GLN A 53 -8.78 1.01 9.24
CA GLN A 53 -9.03 -0.31 8.66
C GLN A 53 -7.81 -1.20 8.79
N LEU A 54 -6.65 -0.70 8.38
CA LEU A 54 -5.41 -1.45 8.46
C LEU A 54 -4.63 -1.10 9.73
N LYS A 55 -5.36 -0.99 10.83
CA LYS A 55 -4.74 -0.66 12.11
C LYS A 55 -4.47 -1.91 12.93
N ALA A 56 -5.43 -2.82 12.95
CA ALA A 56 -5.30 -4.07 13.69
C ALA A 56 -4.27 -4.99 13.05
N ARG A 57 -4.24 -5.01 11.72
CA ARG A 57 -3.31 -5.84 10.98
C ARG A 57 -1.87 -5.44 11.27
N PHE A 58 -1.56 -4.16 11.07
CA PHE A 58 -0.23 -3.65 11.32
C PHE A 58 -0.27 -2.16 11.69
N LEU A 59 0.90 -1.55 11.81
CA LEU A 59 0.99 -0.13 12.16
C LEU A 59 0.82 0.74 10.92
N PRO A 60 -0.32 1.47 10.83
CA PRO A 60 -0.60 2.36 9.69
C PRO A 60 0.23 3.63 9.73
N SER A 61 0.01 4.50 8.74
CA SER A 61 0.74 5.77 8.66
C SER A 61 0.29 6.57 7.44
N PRO A 62 -0.64 7.52 7.62
CA PRO A 62 -1.13 8.36 6.51
C PRO A 62 0.00 8.95 5.67
N VAL A 63 1.16 9.13 6.30
CA VAL A 63 2.32 9.69 5.62
C VAL A 63 2.55 9.00 4.28
N VAL A 64 2.54 7.66 4.29
CA VAL A 64 2.74 6.89 3.08
C VAL A 64 1.49 6.90 2.21
N ILE A 65 0.33 6.96 2.87
CA ILE A 65 -0.95 6.98 2.17
C ILE A 65 -1.04 8.22 1.28
N LYS A 66 -0.59 9.35 1.79
CA LYS A 66 -0.64 10.61 1.05
C LYS A 66 0.17 10.50 -0.25
N LYS A 67 1.36 9.90 -0.15
CA LYS A 67 2.22 9.73 -1.31
C LYS A 67 1.59 8.80 -2.33
N ARG A 68 0.96 7.72 -1.84
CA ARG A 68 0.31 6.75 -2.72
C ARG A 68 -0.77 7.42 -3.56
N ILE A 69 -1.54 8.31 -2.96
CA ILE A 69 -2.60 9.02 -3.66
C ILE A 69 -2.03 9.84 -4.81
N GLU A 70 -1.05 10.68 -4.51
CA GLU A 70 -0.42 11.53 -5.52
C GLU A 70 0.05 10.70 -6.71
N GLY A 71 0.45 9.46 -6.44
CA GLY A 71 0.91 8.59 -7.50
C GLY A 71 -0.23 7.92 -8.23
N LEU A 72 -1.33 7.71 -7.54
CA LEU A 72 -2.50 7.08 -8.13
C LEU A 72 -3.15 8.00 -9.17
N ILE A 73 -3.19 9.29 -8.87
CA ILE A 73 -3.78 10.27 -9.78
C ILE A 73 -3.07 10.24 -11.13
N GLU A 74 -1.75 10.09 -11.09
CA GLU A 74 -0.96 10.05 -12.30
C GLU A 74 -1.12 8.71 -13.03
N ARG A 75 -1.52 7.68 -12.28
CA ARG A 75 -1.72 6.36 -12.85
C ARG A 75 -3.17 6.16 -13.33
N GLU A 76 -3.90 7.26 -13.47
CA GLU A 76 -5.29 7.19 -13.92
C GLU A 76 -6.15 6.40 -12.93
N TYR A 77 -5.80 6.50 -11.65
CA TYR A 77 -6.55 5.80 -10.61
C TYR A 77 -7.48 6.75 -9.88
N LEU A 78 -6.93 7.86 -9.38
CA LEU A 78 -7.71 8.85 -8.66
C LEU A 78 -7.62 10.21 -9.33
N ALA A 79 -8.26 11.21 -8.74
CA ALA A 79 -8.24 12.56 -9.29
C ALA A 79 -8.99 13.53 -8.36
N ARG A 80 -8.45 14.73 -8.23
CA ARG A 80 -9.06 15.75 -7.38
C ARG A 80 -10.32 16.30 -8.02
N THR A 81 -11.17 16.94 -7.21
CA THR A 81 -12.41 17.51 -7.71
C THR A 81 -12.15 18.76 -8.54
N PRO A 82 -13.03 19.07 -9.50
CA PRO A 82 -12.89 20.25 -10.36
C PRO A 82 -12.73 21.55 -9.57
N GLU A 83 -13.23 21.55 -8.33
CA GLU A 83 -13.14 22.73 -7.49
C GLU A 83 -12.67 22.37 -6.07
N ASP A 84 -11.63 21.56 -5.99
CA ASP A 84 -11.08 21.13 -4.70
C ASP A 84 -9.99 20.09 -4.89
N ARG A 85 -9.04 20.06 -3.95
CA ARG A 85 -7.94 19.10 -4.01
C ARG A 85 -8.05 18.08 -2.88
N LYS A 86 -8.57 18.52 -1.75
CA LYS A 86 -8.72 17.64 -0.58
C LYS A 86 -9.62 16.46 -0.92
N VAL A 87 -10.52 16.65 -1.89
CA VAL A 87 -11.45 15.60 -2.30
C VAL A 87 -10.91 14.85 -3.51
N TYR A 88 -10.94 13.52 -3.43
CA TYR A 88 -10.46 12.67 -4.52
C TYR A 88 -11.62 11.89 -5.15
N THR A 89 -11.39 11.40 -6.36
CA THR A 89 -12.41 10.63 -7.08
C THR A 89 -11.77 9.50 -7.89
N TYR A 90 -12.39 8.33 -7.83
CA TYR A 90 -11.89 7.17 -8.56
C TYR A 90 -12.16 7.29 -10.05
N VAL A 91 -11.15 7.72 -10.80
CA VAL A 91 -11.29 7.89 -12.24
C VAL A 91 -10.49 6.83 -13.00
N ALA A 92 -10.76 5.57 -12.68
CA ALA A 92 -10.06 4.46 -13.33
C ALA A 92 -10.88 3.88 -14.48
N MET A 1 12.53 -49.69 1.30
CA MET A 1 11.32 -50.50 1.24
C MET A 1 10.29 -50.02 2.26
N ALA A 2 9.53 -48.99 1.89
CA ALA A 2 8.51 -48.44 2.76
C ALA A 2 7.17 -48.33 2.06
N ALA A 3 6.21 -49.15 2.49
CA ALA A 3 4.88 -49.15 1.90
C ALA A 3 3.91 -48.29 2.70
N LYS A 4 3.21 -47.40 2.01
CA LYS A 4 2.26 -46.51 2.66
C LYS A 4 0.84 -47.09 2.61
N GLN A 5 0.45 -47.76 3.69
CA GLN A 5 -0.87 -48.36 3.78
C GLN A 5 -1.96 -47.30 3.82
N GLY A 6 -1.63 -46.16 4.42
CA GLY A 6 -2.59 -45.07 4.52
C GLY A 6 -1.96 -43.72 4.28
N GLU A 7 -1.67 -43.00 5.37
CA GLU A 7 -1.06 -41.68 5.26
C GLU A 7 -0.13 -41.42 6.44
N SER A 8 -0.63 -41.67 7.64
CA SER A 8 0.16 -41.46 8.86
C SER A 8 0.50 -39.99 9.05
N ASP A 9 1.52 -39.52 8.32
CA ASP A 9 1.94 -38.13 8.40
C ASP A 9 2.28 -37.58 7.02
N PRO A 10 2.35 -36.24 6.89
CA PRO A 10 2.67 -35.60 5.61
C PRO A 10 4.13 -35.81 5.21
N GLU A 11 4.50 -35.24 4.06
CA GLU A 11 5.87 -35.37 3.56
C GLU A 11 6.52 -34.00 3.39
N ARG A 12 7.81 -33.99 3.08
CA ARG A 12 8.54 -32.75 2.89
C ARG A 12 8.89 -32.54 1.42
N LYS A 13 7.98 -31.92 0.69
CA LYS A 13 8.19 -31.66 -0.73
C LYS A 13 8.61 -30.22 -0.96
N GLU A 14 9.89 -29.94 -0.73
CA GLU A 14 10.42 -28.59 -0.91
C GLU A 14 10.37 -28.18 -2.38
N THR A 15 9.41 -27.31 -2.72
CA THR A 15 9.25 -26.85 -4.09
C THR A 15 8.97 -25.34 -4.12
N ARG A 16 7.99 -24.92 -3.35
CA ARG A 16 7.61 -23.51 -3.29
C ARG A 16 8.78 -22.66 -2.80
N GLN A 17 9.06 -21.58 -3.52
CA GLN A 17 10.16 -20.69 -3.17
C GLN A 17 9.74 -19.22 -3.32
N LYS A 18 9.23 -18.88 -4.50
CA LYS A 18 8.79 -17.51 -4.77
C LYS A 18 7.52 -17.19 -4.02
N VAL A 19 7.64 -16.38 -2.97
CA VAL A 19 6.49 -16.00 -2.16
C VAL A 19 6.41 -14.49 -2.01
N ASP A 20 7.47 -13.89 -1.49
CA ASP A 20 7.52 -12.44 -1.29
C ASP A 20 6.42 -11.98 -0.35
N ASP A 21 6.42 -10.69 -0.04
CA ASP A 21 5.40 -10.13 0.85
C ASP A 21 5.06 -8.69 0.45
N ASP A 22 4.19 -8.05 1.22
CA ASP A 22 3.78 -6.68 0.94
C ASP A 22 3.99 -5.80 2.17
N ARG A 23 4.78 -4.74 2.00
CA ARG A 23 5.06 -3.82 3.10
C ARG A 23 4.34 -2.50 2.88
N LYS A 24 4.56 -1.88 1.72
CA LYS A 24 3.93 -0.61 1.40
C LYS A 24 2.89 -0.79 0.30
N HIS A 25 2.29 -1.98 0.25
CA HIS A 25 1.28 -2.28 -0.76
C HIS A 25 -0.10 -2.44 -0.12
N GLU A 26 -0.12 -2.86 1.14
CA GLU A 26 -1.36 -3.05 1.86
C GLU A 26 -2.20 -1.78 1.89
N ILE A 27 -1.52 -0.64 2.03
CA ILE A 27 -2.19 0.65 2.07
C ILE A 27 -2.61 1.10 0.68
N GLU A 28 -1.81 0.73 -0.32
CA GLU A 28 -2.11 1.08 -1.71
C GLU A 28 -3.33 0.32 -2.21
N ALA A 29 -3.33 -0.99 -1.99
CA ALA A 29 -4.43 -1.83 -2.44
C ALA A 29 -5.74 -1.44 -1.73
N ALA A 30 -5.60 -0.98 -0.49
CA ALA A 30 -6.76 -0.58 0.30
C ALA A 30 -7.46 0.62 -0.32
N ILE A 31 -6.67 1.62 -0.72
CA ILE A 31 -7.22 2.82 -1.33
C ILE A 31 -7.99 2.48 -2.61
N VAL A 32 -7.52 1.46 -3.31
CA VAL A 32 -8.16 1.03 -4.55
C VAL A 32 -9.45 0.27 -4.28
N ARG A 33 -9.50 -0.41 -3.13
CA ARG A 33 -10.67 -1.19 -2.75
C ARG A 33 -11.78 -0.27 -2.20
N ILE A 34 -11.37 0.80 -1.54
CA ILE A 34 -12.33 1.74 -0.97
C ILE A 34 -12.92 2.65 -2.04
N MET A 35 -12.06 3.16 -2.92
CA MET A 35 -12.50 4.05 -3.99
C MET A 35 -13.39 3.30 -4.97
N LYS A 36 -13.18 2.00 -5.11
CA LYS A 36 -13.97 1.18 -6.03
C LYS A 36 -15.44 1.21 -5.64
N SER A 37 -15.72 1.32 -4.34
CA SER A 37 -17.09 1.36 -3.85
C SER A 37 -17.48 2.77 -3.43
N ARG A 38 -16.58 3.45 -2.73
CA ARG A 38 -16.84 4.81 -2.26
C ARG A 38 -16.78 5.80 -3.42
N LYS A 39 -16.02 5.46 -4.46
CA LYS A 39 -15.88 6.31 -5.63
C LYS A 39 -15.23 7.65 -5.25
N LYS A 40 -16.02 8.56 -4.69
CA LYS A 40 -15.51 9.87 -4.29
C LYS A 40 -15.22 9.89 -2.79
N MET A 41 -13.99 10.30 -2.45
CA MET A 41 -13.58 10.36 -1.05
C MET A 41 -12.76 11.62 -0.79
N GLN A 42 -12.79 12.08 0.46
CA GLN A 42 -12.05 13.27 0.86
C GLN A 42 -10.61 12.92 1.22
N HIS A 43 -9.81 13.94 1.48
CA HIS A 43 -8.41 13.74 1.84
C HIS A 43 -8.28 13.12 3.23
N ASN A 44 -9.08 13.64 4.18
CA ASN A 44 -9.05 13.13 5.55
C ASN A 44 -9.83 11.82 5.66
N VAL A 45 -10.92 11.73 4.91
CA VAL A 45 -11.74 10.52 4.92
C VAL A 45 -10.95 9.31 4.44
N LEU A 46 -10.18 9.50 3.37
CA LEU A 46 -9.38 8.43 2.82
C LEU A 46 -8.27 8.02 3.78
N VAL A 47 -7.67 9.01 4.44
CA VAL A 47 -6.60 8.76 5.40
C VAL A 47 -7.16 8.13 6.68
N ALA A 48 -8.41 8.43 7.00
CA ALA A 48 -9.05 7.89 8.19
C ALA A 48 -9.49 6.45 7.98
N GLU A 49 -10.25 6.22 6.92
CA GLU A 49 -10.75 4.89 6.61
C GLU A 49 -9.61 3.88 6.45
N VAL A 50 -8.64 4.21 5.59
CA VAL A 50 -7.50 3.34 5.35
C VAL A 50 -6.74 3.05 6.65
N THR A 51 -6.36 4.11 7.35
CA THR A 51 -5.62 3.97 8.60
C THR A 51 -6.41 3.17 9.62
N GLN A 52 -7.70 3.47 9.73
CA GLN A 52 -8.57 2.79 10.68
C GLN A 52 -8.88 1.37 10.22
N GLN A 53 -8.88 1.15 8.91
CA GLN A 53 -9.17 -0.16 8.35
C GLN A 53 -7.94 -1.06 8.40
N LEU A 54 -6.76 -0.46 8.20
CA LEU A 54 -5.52 -1.22 8.22
C LEU A 54 -4.77 -1.00 9.53
N LYS A 55 -5.52 -0.98 10.64
CA LYS A 55 -4.92 -0.79 11.95
C LYS A 55 -4.92 -2.09 12.75
N ALA A 56 -4.86 -3.21 12.03
CA ALA A 56 -4.85 -4.53 12.67
C ALA A 56 -3.64 -5.33 12.24
N ARG A 57 -3.34 -5.30 10.95
CA ARG A 57 -2.19 -6.03 10.40
C ARG A 57 -0.89 -5.39 10.84
N PHE A 58 -0.91 -4.07 10.99
CA PHE A 58 0.28 -3.33 11.40
C PHE A 58 -0.09 -1.90 11.83
N LEU A 59 0.92 -1.05 11.98
CA LEU A 59 0.70 0.33 12.37
C LEU A 59 0.69 1.25 11.16
N PRO A 60 -0.51 1.63 10.67
CA PRO A 60 -0.65 2.51 9.51
C PRO A 60 -0.18 3.94 9.80
N SER A 61 0.13 4.67 8.74
CA SER A 61 0.58 6.06 8.88
C SER A 61 0.27 6.86 7.63
N PRO A 62 -0.50 7.95 7.75
CA PRO A 62 -0.87 8.80 6.62
C PRO A 62 0.34 9.23 5.79
N VAL A 63 1.49 9.30 6.45
CA VAL A 63 2.73 9.68 5.78
C VAL A 63 2.92 8.90 4.48
N VAL A 64 2.94 7.58 4.58
CA VAL A 64 3.11 6.73 3.42
C VAL A 64 1.89 6.83 2.50
N ILE A 65 0.73 7.04 3.10
CA ILE A 65 -0.51 7.17 2.34
C ILE A 65 -0.45 8.36 1.40
N LYS A 66 0.15 9.46 1.87
CA LYS A 66 0.26 10.67 1.07
C LYS A 66 1.08 10.40 -0.21
N LYS A 67 2.09 9.56 -0.07
CA LYS A 67 2.94 9.22 -1.22
C LYS A 67 2.23 8.24 -2.15
N ARG A 68 1.39 7.39 -1.56
CA ARG A 68 0.65 6.40 -2.34
C ARG A 68 -0.40 7.08 -3.21
N ILE A 69 -1.11 8.04 -2.63
CA ILE A 69 -2.14 8.76 -3.36
C ILE A 69 -1.54 9.56 -4.52
N GLU A 70 -0.51 10.33 -4.23
CA GLU A 70 0.16 11.14 -5.25
C GLU A 70 0.56 10.27 -6.45
N GLY A 71 0.90 9.03 -6.18
CA GLY A 71 1.29 8.11 -7.24
C GLY A 71 0.10 7.52 -7.95
N LEU A 72 -1.01 7.38 -7.23
CA LEU A 72 -2.23 6.81 -7.79
C LEU A 72 -2.82 7.75 -8.84
N ILE A 73 -2.76 9.05 -8.57
CA ILE A 73 -3.28 10.05 -9.49
C ILE A 73 -2.47 10.09 -10.78
N GLU A 74 -1.19 9.73 -10.67
CA GLU A 74 -0.29 9.73 -11.83
C GLU A 74 -0.58 8.53 -12.74
N ARG A 75 -1.09 7.45 -12.15
CA ARG A 75 -1.38 6.24 -12.92
C ARG A 75 -2.83 6.25 -13.42
N GLU A 76 -3.48 7.42 -13.35
CA GLU A 76 -4.85 7.55 -13.81
C GLU A 76 -5.81 6.73 -12.97
N TYR A 77 -5.44 6.47 -11.71
CA TYR A 77 -6.27 5.70 -10.81
C TYR A 77 -7.25 6.61 -10.07
N LEU A 78 -6.71 7.68 -9.48
CA LEU A 78 -7.53 8.64 -8.74
C LEU A 78 -7.37 10.04 -9.32
N ALA A 79 -8.29 10.94 -8.95
CA ALA A 79 -8.24 12.31 -9.43
C ALA A 79 -8.96 13.25 -8.47
N ARG A 80 -8.58 14.52 -8.49
CA ARG A 80 -9.20 15.52 -7.63
C ARG A 80 -10.37 16.19 -8.32
N THR A 81 -11.30 16.73 -7.52
CA THR A 81 -12.47 17.40 -8.06
C THR A 81 -12.26 18.90 -8.14
N PRO A 82 -12.90 19.57 -9.11
CA PRO A 82 -12.78 21.03 -9.29
C PRO A 82 -13.47 21.80 -8.17
N GLU A 83 -14.46 21.17 -7.54
CA GLU A 83 -15.19 21.81 -6.45
C GLU A 83 -14.25 22.24 -5.33
N ASP A 84 -13.61 21.25 -4.70
CA ASP A 84 -12.68 21.53 -3.61
C ASP A 84 -11.29 20.98 -3.93
N ARG A 85 -10.29 21.49 -3.22
CA ARG A 85 -8.91 21.06 -3.42
C ARG A 85 -8.49 20.05 -2.36
N LYS A 86 -9.45 19.25 -1.90
CA LYS A 86 -9.19 18.24 -0.87
C LYS A 86 -10.10 17.04 -1.05
N VAL A 87 -10.56 16.81 -2.28
CA VAL A 87 -11.43 15.69 -2.57
C VAL A 87 -10.92 14.90 -3.78
N TYR A 88 -11.03 13.59 -3.71
CA TYR A 88 -10.59 12.72 -4.80
C TYR A 88 -11.74 11.89 -5.34
N THR A 89 -11.53 11.29 -6.50
CA THR A 89 -12.56 10.46 -7.14
C THR A 89 -11.93 9.26 -7.85
N TYR A 90 -12.69 8.17 -7.94
CA TYR A 90 -12.21 6.96 -8.59
C TYR A 90 -12.41 7.04 -10.10
N VAL A 91 -11.31 7.11 -10.83
CA VAL A 91 -11.36 7.18 -12.28
C VAL A 91 -10.72 5.96 -12.92
N ALA A 92 -10.81 4.83 -12.23
CA ALA A 92 -10.23 3.58 -12.73
C ALA A 92 -11.32 2.62 -13.19
N MET A 1 33.54 -39.40 23.75
CA MET A 1 32.15 -39.59 24.12
C MET A 1 31.36 -38.29 23.98
N ALA A 2 30.94 -37.98 22.76
CA ALA A 2 30.19 -36.76 22.50
C ALA A 2 29.41 -36.87 21.19
N ALA A 3 28.81 -35.75 20.76
CA ALA A 3 28.04 -35.72 19.53
C ALA A 3 28.15 -34.36 18.86
N LYS A 4 29.28 -33.69 19.07
CA LYS A 4 29.51 -32.38 18.47
C LYS A 4 28.42 -31.39 18.89
N GLN A 5 28.61 -30.78 20.05
CA GLN A 5 27.64 -29.81 20.57
C GLN A 5 28.26 -28.42 20.66
N GLY A 6 27.68 -27.47 19.94
CA GLY A 6 28.19 -26.11 19.94
C GLY A 6 28.20 -25.49 18.56
N GLU A 7 27.07 -25.56 17.88
CA GLU A 7 26.95 -25.00 16.54
C GLU A 7 26.54 -23.53 16.59
N SER A 8 25.73 -23.19 17.58
CA SER A 8 25.27 -21.81 17.76
C SER A 8 24.56 -21.31 16.50
N ASP A 9 23.59 -22.09 16.03
CA ASP A 9 22.84 -21.72 14.83
C ASP A 9 21.34 -21.61 15.13
N PRO A 10 20.94 -20.57 15.89
CA PRO A 10 19.54 -20.36 16.24
C PRO A 10 18.70 -19.90 15.06
N GLU A 11 17.70 -20.70 14.69
CA GLU A 11 16.82 -20.37 13.58
C GLU A 11 15.44 -19.98 14.06
N ARG A 12 15.05 -20.50 15.23
CA ARG A 12 13.74 -20.21 15.80
C ARG A 12 12.63 -20.77 14.93
N LYS A 13 11.51 -21.13 15.55
CA LYS A 13 10.37 -21.68 14.84
C LYS A 13 9.84 -20.68 13.80
N GLU A 14 9.52 -21.19 12.62
CA GLU A 14 9.00 -20.34 11.54
C GLU A 14 7.51 -20.57 11.33
N THR A 15 6.69 -19.63 11.82
CA THR A 15 5.24 -19.74 11.68
C THR A 15 4.63 -18.37 11.41
N ARG A 16 5.32 -17.55 10.64
CA ARG A 16 4.85 -16.21 10.30
C ARG A 16 4.88 -15.98 8.80
N GLN A 17 4.58 -17.03 8.04
CA GLN A 17 4.57 -16.95 6.58
C GLN A 17 5.96 -16.62 6.05
N LYS A 18 6.33 -15.34 6.08
CA LYS A 18 7.63 -14.91 5.60
C LYS A 18 7.85 -15.33 4.14
N VAL A 19 6.76 -15.40 3.39
CA VAL A 19 6.83 -15.78 1.98
C VAL A 19 6.58 -14.59 1.07
N ASP A 20 5.57 -13.80 1.39
CA ASP A 20 5.23 -12.63 0.59
C ASP A 20 4.51 -11.58 1.45
N ASP A 21 5.07 -10.38 1.49
CA ASP A 21 4.48 -9.29 2.27
C ASP A 21 4.12 -8.11 1.38
N ASP A 22 3.62 -7.05 1.99
CA ASP A 22 3.22 -5.86 1.25
C ASP A 22 3.95 -4.62 1.78
N ARG A 23 3.69 -4.28 3.04
CA ARG A 23 4.30 -3.13 3.69
C ARG A 23 3.79 -1.83 3.10
N LYS A 24 3.98 -1.64 1.80
CA LYS A 24 3.52 -0.43 1.13
C LYS A 24 2.33 -0.73 0.22
N HIS A 25 2.42 -1.82 -0.52
CA HIS A 25 1.34 -2.22 -1.43
C HIS A 25 0.06 -2.53 -0.67
N GLU A 26 0.18 -2.74 0.64
CA GLU A 26 -0.98 -3.04 1.48
C GLU A 26 -1.87 -1.82 1.63
N ILE A 27 -1.27 -0.70 2.02
CA ILE A 27 -2.02 0.54 2.21
C ILE A 27 -2.51 1.10 0.87
N GLU A 28 -1.67 0.97 -0.16
CA GLU A 28 -2.01 1.46 -1.48
C GLU A 28 -3.23 0.72 -2.03
N ALA A 29 -3.21 -0.60 -1.92
CA ALA A 29 -4.32 -1.43 -2.40
C ALA A 29 -5.61 -1.10 -1.66
N ALA A 30 -5.49 -0.75 -0.39
CA ALA A 30 -6.64 -0.41 0.43
C ALA A 30 -7.39 0.79 -0.15
N ILE A 31 -6.64 1.75 -0.67
CA ILE A 31 -7.23 2.94 -1.26
C ILE A 31 -8.04 2.60 -2.50
N VAL A 32 -7.48 1.74 -3.35
CA VAL A 32 -8.15 1.32 -4.57
C VAL A 32 -9.42 0.52 -4.26
N ARG A 33 -9.40 -0.21 -3.15
CA ARG A 33 -10.54 -1.02 -2.75
C ARG A 33 -11.70 -0.13 -2.32
N ILE A 34 -11.41 0.90 -1.53
CA ILE A 34 -12.42 1.82 -1.06
C ILE A 34 -12.93 2.72 -2.19
N MET A 35 -12.00 3.34 -2.89
CA MET A 35 -12.34 4.23 -4.00
C MET A 35 -13.19 3.50 -5.04
N LYS A 36 -13.00 2.19 -5.14
CA LYS A 36 -13.75 1.38 -6.10
C LYS A 36 -15.25 1.47 -5.83
N SER A 37 -15.62 1.27 -4.57
CA SER A 37 -17.03 1.31 -4.19
C SER A 37 -17.45 2.73 -3.82
N ARG A 38 -16.64 3.38 -2.98
CA ARG A 38 -16.93 4.74 -2.54
C ARG A 38 -16.90 5.71 -3.72
N LYS A 39 -16.06 5.41 -4.71
CA LYS A 39 -15.92 6.25 -5.90
C LYS A 39 -15.25 7.57 -5.55
N LYS A 40 -15.95 8.40 -4.77
CA LYS A 40 -15.42 9.69 -4.37
C LYS A 40 -15.13 9.72 -2.87
N MET A 41 -13.92 10.12 -2.51
CA MET A 41 -13.52 10.19 -1.11
C MET A 41 -12.71 11.45 -0.83
N GLN A 42 -12.53 11.76 0.45
CA GLN A 42 -11.77 12.95 0.84
C GLN A 42 -10.37 12.57 1.31
N HIS A 43 -9.63 13.56 1.80
CA HIS A 43 -8.28 13.32 2.29
C HIS A 43 -8.29 12.75 3.70
N ASN A 44 -8.95 13.45 4.62
CA ASN A 44 -9.05 13.01 6.00
C ASN A 44 -9.85 11.72 6.10
N VAL A 45 -10.92 11.63 5.33
CA VAL A 45 -11.77 10.44 5.34
C VAL A 45 -10.99 9.21 4.89
N LEU A 46 -10.23 9.36 3.82
CA LEU A 46 -9.43 8.25 3.30
C LEU A 46 -8.38 7.80 4.31
N VAL A 47 -7.81 8.78 5.01
CA VAL A 47 -6.79 8.50 6.02
C VAL A 47 -7.39 7.80 7.24
N ALA A 48 -8.51 8.33 7.72
CA ALA A 48 -9.17 7.77 8.88
C ALA A 48 -9.71 6.37 8.60
N GLU A 49 -10.09 6.13 7.34
CA GLU A 49 -10.62 4.84 6.94
C GLU A 49 -9.49 3.85 6.65
N VAL A 50 -8.60 4.21 5.73
CA VAL A 50 -7.49 3.35 5.37
C VAL A 50 -6.62 3.03 6.58
N THR A 51 -6.27 4.05 7.35
CA THR A 51 -5.45 3.87 8.54
C THR A 51 -6.11 2.92 9.53
N GLN A 52 -7.36 3.21 9.87
CA GLN A 52 -8.11 2.38 10.81
C GLN A 52 -8.36 0.98 10.23
N GLN A 53 -8.74 0.93 8.96
CA GLN A 53 -9.01 -0.34 8.30
C GLN A 53 -7.76 -1.22 8.29
N LEU A 54 -6.60 -0.59 8.26
CA LEU A 54 -5.33 -1.32 8.25
C LEU A 54 -4.57 -1.12 9.56
N LYS A 55 -5.32 -0.97 10.65
CA LYS A 55 -4.72 -0.77 11.97
C LYS A 55 -4.72 -2.07 12.76
N ALA A 56 -5.77 -2.87 12.60
CA ALA A 56 -5.87 -4.14 13.30
C ALA A 56 -4.75 -5.09 12.89
N ARG A 57 -4.31 -4.98 11.65
CA ARG A 57 -3.24 -5.83 11.13
C ARG A 57 -1.87 -5.28 11.54
N PHE A 58 -1.52 -4.11 11.02
CA PHE A 58 -0.25 -3.49 11.34
C PHE A 58 -0.44 -2.04 11.74
N LEU A 59 0.67 -1.34 11.99
CA LEU A 59 0.62 0.06 12.38
C LEU A 59 1.08 0.96 11.24
N PRO A 60 0.17 1.26 10.28
CA PRO A 60 0.49 2.12 9.14
C PRO A 60 0.68 3.57 9.54
N SER A 61 0.72 4.46 8.55
CA SER A 61 0.90 5.89 8.80
C SER A 61 0.52 6.70 7.57
N PRO A 62 -0.28 7.77 7.76
CA PRO A 62 -0.71 8.64 6.66
C PRO A 62 0.46 9.13 5.80
N VAL A 63 1.63 9.23 6.42
CA VAL A 63 2.83 9.68 5.73
C VAL A 63 3.01 8.96 4.40
N VAL A 64 2.77 7.65 4.40
CA VAL A 64 2.90 6.85 3.19
C VAL A 64 1.63 6.92 2.35
N ILE A 65 0.49 7.05 3.03
CA ILE A 65 -0.80 7.13 2.36
C ILE A 65 -0.85 8.35 1.43
N LYS A 66 -0.30 9.47 1.90
CA LYS A 66 -0.29 10.69 1.11
C LYS A 66 0.47 10.50 -0.20
N LYS A 67 1.66 9.89 -0.10
CA LYS A 67 2.48 9.64 -1.27
C LYS A 67 1.80 8.67 -2.22
N ARG A 68 1.08 7.69 -1.65
CA ARG A 68 0.38 6.70 -2.45
C ARG A 68 -0.69 7.35 -3.31
N ILE A 69 -1.38 8.34 -2.74
CA ILE A 69 -2.42 9.05 -3.46
C ILE A 69 -1.85 9.85 -4.62
N GLU A 70 -0.86 10.69 -4.33
CA GLU A 70 -0.21 11.51 -5.34
C GLU A 70 0.25 10.66 -6.53
N GLY A 71 0.61 9.41 -6.24
CA GLY A 71 1.07 8.52 -7.29
C GLY A 71 -0.08 7.88 -8.05
N LEU A 72 -1.19 7.66 -7.34
CA LEU A 72 -2.37 7.04 -7.95
C LEU A 72 -2.98 7.97 -8.99
N ILE A 73 -2.99 9.26 -8.70
CA ILE A 73 -3.54 10.24 -9.62
C ILE A 73 -2.82 10.21 -10.96
N GLU A 74 -1.51 10.00 -10.91
CA GLU A 74 -0.70 9.94 -12.13
C GLU A 74 -0.91 8.61 -12.86
N ARG A 75 -1.36 7.60 -12.13
CA ARG A 75 -1.61 6.28 -12.72
C ARG A 75 -3.06 6.14 -13.19
N GLU A 76 -3.76 7.27 -13.33
CA GLU A 76 -5.14 7.26 -13.77
C GLU A 76 -6.02 6.50 -12.78
N TYR A 77 -5.63 6.48 -11.52
CA TYR A 77 -6.39 5.79 -10.48
C TYR A 77 -7.32 6.76 -9.77
N LEU A 78 -6.77 7.82 -9.21
CA LEU A 78 -7.55 8.82 -8.50
C LEU A 78 -7.42 10.19 -9.17
N ALA A 79 -8.06 11.19 -8.57
CA ALA A 79 -8.02 12.54 -9.11
C ALA A 79 -8.74 13.52 -8.20
N ARG A 80 -8.39 14.80 -8.31
CA ARG A 80 -9.01 15.83 -7.49
C ARG A 80 -10.34 16.28 -8.09
N THR A 81 -11.30 16.57 -7.22
CA THR A 81 -12.63 17.01 -7.67
C THR A 81 -12.53 18.34 -8.40
N PRO A 82 -13.55 18.65 -9.24
CA PRO A 82 -13.58 19.91 -9.99
C PRO A 82 -13.74 21.12 -9.09
N GLU A 83 -14.56 20.97 -8.05
CA GLU A 83 -14.80 22.06 -7.10
C GLU A 83 -13.64 22.20 -6.14
N ASP A 84 -13.42 21.17 -5.33
CA ASP A 84 -12.33 21.18 -4.36
C ASP A 84 -11.15 20.35 -4.84
N ARG A 85 -10.00 20.51 -4.19
CA ARG A 85 -8.80 19.77 -4.56
C ARG A 85 -8.44 18.75 -3.47
N LYS A 86 -8.75 19.10 -2.23
CA LYS A 86 -8.46 18.22 -1.10
C LYS A 86 -9.18 16.88 -1.26
N VAL A 87 -10.29 16.88 -1.98
CA VAL A 87 -11.07 15.67 -2.20
C VAL A 87 -10.53 14.88 -3.39
N TYR A 88 -10.72 13.56 -3.36
CA TYR A 88 -10.25 12.70 -4.44
C TYR A 88 -11.42 11.94 -5.06
N THR A 89 -11.20 11.41 -6.26
CA THR A 89 -12.22 10.67 -6.97
C THR A 89 -11.62 9.51 -7.76
N TYR A 90 -12.35 8.40 -7.82
CA TYR A 90 -11.88 7.22 -8.54
C TYR A 90 -12.17 7.34 -10.04
N VAL A 91 -11.11 7.40 -10.83
CA VAL A 91 -11.25 7.51 -12.28
C VAL A 91 -10.55 6.37 -13.00
N ALA A 92 -10.61 5.18 -12.40
CA ALA A 92 -9.98 4.00 -12.99
C ALA A 92 -11.01 3.12 -13.69
N MET A 1 41.75 -26.19 -9.18
CA MET A 1 41.37 -26.10 -7.78
C MET A 1 42.58 -25.93 -6.87
N ALA A 2 43.60 -26.75 -7.10
CA ALA A 2 44.82 -26.70 -6.32
C ALA A 2 44.54 -27.06 -4.86
N ALA A 3 45.31 -28.00 -4.33
CA ALA A 3 45.16 -28.43 -2.94
C ALA A 3 43.77 -29.01 -2.70
N LYS A 4 43.56 -29.55 -1.51
CA LYS A 4 42.27 -30.14 -1.15
C LYS A 4 41.42 -29.15 -0.37
N GLN A 5 40.13 -29.46 -0.24
CA GLN A 5 39.20 -28.60 0.49
C GLN A 5 39.11 -27.22 -0.16
N GLY A 6 37.99 -26.55 0.04
CA GLY A 6 37.80 -25.23 -0.53
C GLY A 6 36.93 -24.34 0.34
N GLU A 7 36.85 -24.66 1.63
CA GLU A 7 36.05 -23.87 2.56
C GLU A 7 34.60 -23.79 2.10
N SER A 8 34.12 -24.86 1.47
CA SER A 8 32.75 -24.91 1.00
C SER A 8 31.93 -25.92 1.77
N ASP A 9 31.15 -25.44 2.74
CA ASP A 9 30.32 -26.31 3.56
C ASP A 9 28.96 -26.55 2.90
N PRO A 10 28.38 -27.75 3.08
CA PRO A 10 27.08 -28.08 2.50
C PRO A 10 25.93 -27.39 3.21
N GLU A 11 25.33 -26.40 2.56
CA GLU A 11 24.22 -25.65 3.13
C GLU A 11 23.54 -24.80 2.07
N ARG A 12 22.28 -25.10 1.78
CA ARG A 12 21.53 -24.36 0.79
C ARG A 12 20.05 -24.79 0.79
N LYS A 13 19.47 -24.84 1.99
CA LYS A 13 18.07 -25.24 2.12
C LYS A 13 17.38 -24.41 3.21
N GLU A 14 16.58 -23.43 2.78
CA GLU A 14 15.86 -22.57 3.71
C GLU A 14 14.36 -22.72 3.53
N THR A 15 13.59 -21.93 4.29
CA THR A 15 12.14 -21.97 4.22
C THR A 15 11.56 -20.57 4.03
N ARG A 16 12.29 -19.72 3.32
CA ARG A 16 11.85 -18.35 3.09
C ARG A 16 11.09 -18.25 1.77
N GLN A 17 9.96 -17.55 1.80
CA GLN A 17 9.14 -17.38 0.61
C GLN A 17 9.09 -15.91 0.19
N LYS A 18 8.85 -15.03 1.15
CA LYS A 18 8.78 -13.60 0.89
C LYS A 18 9.95 -12.86 1.53
N VAL A 19 10.51 -11.91 0.80
CA VAL A 19 11.65 -11.13 1.29
C VAL A 19 11.39 -9.64 1.13
N ASP A 20 11.17 -9.21 -0.11
CA ASP A 20 10.91 -7.81 -0.40
C ASP A 20 9.57 -7.63 -1.11
N ASP A 21 9.27 -6.39 -1.49
CA ASP A 21 8.01 -6.09 -2.17
C ASP A 21 6.82 -6.44 -1.29
N ASP A 22 5.64 -6.01 -1.72
CA ASP A 22 4.42 -6.28 -0.97
C ASP A 22 4.48 -5.67 0.42
N ARG A 23 5.22 -4.58 0.56
CA ARG A 23 5.37 -3.90 1.84
C ARG A 23 4.61 -2.58 1.86
N LYS A 24 4.90 -1.73 0.87
CA LYS A 24 4.24 -0.43 0.77
C LYS A 24 3.10 -0.48 -0.25
N HIS A 25 2.52 -1.66 -0.42
CA HIS A 25 1.43 -1.84 -1.37
C HIS A 25 0.11 -2.13 -0.64
N GLU A 26 0.22 -2.70 0.55
CA GLU A 26 -0.96 -3.03 1.36
C GLU A 26 -1.84 -1.80 1.57
N ILE A 27 -1.21 -0.66 1.79
CA ILE A 27 -1.94 0.59 2.00
C ILE A 27 -2.46 1.14 0.67
N GLU A 28 -1.70 0.93 -0.39
CA GLU A 28 -2.09 1.40 -1.71
C GLU A 28 -3.36 0.71 -2.19
N ALA A 29 -3.40 -0.61 -2.04
CA ALA A 29 -4.55 -1.40 -2.45
C ALA A 29 -5.78 -1.05 -1.62
N ALA A 30 -5.55 -0.70 -0.36
CA ALA A 30 -6.65 -0.34 0.53
C ALA A 30 -7.43 0.86 -0.01
N ILE A 31 -6.70 1.83 -0.56
CA ILE A 31 -7.33 3.02 -1.11
C ILE A 31 -8.10 2.70 -2.39
N VAL A 32 -7.55 1.79 -3.19
CA VAL A 32 -8.20 1.38 -4.44
C VAL A 32 -9.48 0.61 -4.16
N ARG A 33 -9.46 -0.20 -3.11
CA ARG A 33 -10.62 -0.99 -2.73
C ARG A 33 -11.78 -0.10 -2.29
N ILE A 34 -11.46 0.90 -1.48
CA ILE A 34 -12.47 1.84 -0.99
C ILE A 34 -12.97 2.75 -2.10
N MET A 35 -12.04 3.27 -2.89
CA MET A 35 -12.40 4.15 -4.00
C MET A 35 -13.24 3.42 -5.04
N LYS A 36 -13.05 2.11 -5.13
CA LYS A 36 -13.80 1.29 -6.09
C LYS A 36 -15.24 1.07 -5.62
N SER A 37 -15.44 1.11 -4.30
CA SER A 37 -16.77 0.90 -3.72
C SER A 37 -17.43 2.23 -3.38
N ARG A 38 -16.62 3.24 -3.07
CA ARG A 38 -17.13 4.56 -2.72
C ARG A 38 -17.06 5.52 -3.90
N LYS A 39 -16.19 5.21 -4.86
CA LYS A 39 -16.02 6.04 -6.05
C LYS A 39 -15.40 7.38 -5.68
N LYS A 40 -16.18 8.24 -5.02
CA LYS A 40 -15.70 9.55 -4.61
C LYS A 40 -15.48 9.61 -3.10
N MET A 41 -14.25 9.86 -2.70
CA MET A 41 -13.91 9.93 -1.27
C MET A 41 -13.09 11.19 -0.97
N GLN A 42 -13.17 11.66 0.27
CA GLN A 42 -12.43 12.85 0.67
C GLN A 42 -11.03 12.48 1.17
N HIS A 43 -10.24 13.51 1.48
CA HIS A 43 -8.88 13.29 1.97
C HIS A 43 -8.89 12.69 3.37
N ASN A 44 -9.53 13.38 4.30
CA ASN A 44 -9.61 12.93 5.68
C ASN A 44 -10.36 11.60 5.77
N VAL A 45 -11.51 11.53 5.09
CA VAL A 45 -12.32 10.32 5.09
C VAL A 45 -11.54 9.14 4.54
N LEU A 46 -10.83 9.37 3.43
CA LEU A 46 -10.04 8.32 2.80
C LEU A 46 -8.90 7.88 3.71
N VAL A 47 -8.30 8.83 4.42
CA VAL A 47 -7.20 8.54 5.33
C VAL A 47 -7.70 7.86 6.59
N ALA A 48 -8.78 8.38 7.16
CA ALA A 48 -9.36 7.83 8.38
C ALA A 48 -9.74 6.37 8.19
N GLU A 49 -10.20 6.03 6.98
CA GLU A 49 -10.59 4.66 6.67
C GLU A 49 -9.38 3.77 6.47
N VAL A 50 -8.51 4.16 5.53
CA VAL A 50 -7.31 3.40 5.23
C VAL A 50 -6.44 3.22 6.47
N THR A 51 -6.51 4.19 7.38
CA THR A 51 -5.72 4.14 8.61
C THR A 51 -6.32 3.16 9.60
N GLN A 52 -7.58 3.38 9.95
CA GLN A 52 -8.27 2.50 10.90
C GLN A 52 -8.41 1.09 10.34
N GLN A 53 -8.49 0.98 9.01
CA GLN A 53 -8.63 -0.30 8.36
C GLN A 53 -7.36 -1.14 8.49
N LEU A 54 -6.22 -0.51 8.26
CA LEU A 54 -4.93 -1.19 8.34
C LEU A 54 -4.26 -0.92 9.68
N LYS A 55 -5.05 -0.90 10.75
CA LYS A 55 -4.51 -0.65 12.09
C LYS A 55 -4.35 -1.96 12.87
N ALA A 56 -5.22 -2.93 12.57
CA ALA A 56 -5.17 -4.22 13.24
C ALA A 56 -3.87 -4.95 12.94
N ARG A 57 -3.32 -4.71 11.75
CA ARG A 57 -2.07 -5.35 11.35
C ARG A 57 -0.87 -4.57 11.88
N PHE A 58 -0.74 -3.32 11.45
CA PHE A 58 0.36 -2.48 11.88
C PHE A 58 -0.01 -1.00 11.76
N LEU A 59 0.98 -0.13 11.97
CA LEU A 59 0.75 1.31 11.88
C LEU A 59 0.82 1.79 10.43
N PRO A 60 -0.32 2.20 9.84
CA PRO A 60 -0.37 2.66 8.46
C PRO A 60 0.22 4.07 8.30
N SER A 61 -0.20 4.98 9.17
CA SER A 61 0.28 6.35 9.13
C SER A 61 -0.09 7.03 7.82
N PRO A 62 -0.94 8.08 7.86
CA PRO A 62 -1.37 8.80 6.65
C PRO A 62 -0.19 9.23 5.78
N VAL A 63 0.96 9.42 6.40
CA VAL A 63 2.17 9.83 5.69
C VAL A 63 2.37 9.01 4.42
N VAL A 64 2.61 7.71 4.60
CA VAL A 64 2.82 6.81 3.47
C VAL A 64 1.59 6.79 2.56
N ILE A 65 0.42 6.91 3.15
CA ILE A 65 -0.83 6.91 2.40
C ILE A 65 -0.85 8.06 1.39
N LYS A 66 -0.41 9.23 1.82
CA LYS A 66 -0.36 10.41 0.96
C LYS A 66 0.50 10.14 -0.27
N LYS A 67 1.53 9.32 -0.10
CA LYS A 67 2.44 8.99 -1.19
C LYS A 67 1.77 8.03 -2.18
N ARG A 68 1.05 7.05 -1.65
CA ARG A 68 0.35 6.08 -2.47
C ARG A 68 -0.71 6.74 -3.33
N ILE A 69 -1.41 7.71 -2.75
CA ILE A 69 -2.46 8.44 -3.45
C ILE A 69 -1.89 9.25 -4.60
N GLU A 70 -0.88 10.07 -4.29
CA GLU A 70 -0.25 10.91 -5.30
C GLU A 70 0.21 10.07 -6.50
N GLY A 71 0.51 8.80 -6.25
CA GLY A 71 0.95 7.93 -7.31
C GLY A 71 -0.21 7.38 -8.13
N LEU A 72 -1.35 7.19 -7.47
CA LEU A 72 -2.54 6.68 -8.14
C LEU A 72 -3.13 7.71 -9.09
N ILE A 73 -3.13 8.97 -8.65
CA ILE A 73 -3.67 10.07 -9.47
C ILE A 73 -2.92 10.17 -10.79
N GLU A 74 -1.61 9.97 -10.73
CA GLU A 74 -0.77 10.05 -11.92
C GLU A 74 -0.93 8.79 -12.78
N ARG A 75 -1.39 7.71 -12.17
CA ARG A 75 -1.58 6.45 -12.88
C ARG A 75 -2.99 6.35 -13.46
N GLU A 76 -3.70 7.47 -13.51
CA GLU A 76 -5.06 7.50 -14.03
C GLU A 76 -6.00 6.66 -13.18
N TYR A 77 -5.70 6.56 -11.90
CA TYR A 77 -6.53 5.79 -10.97
C TYR A 77 -7.49 6.70 -10.22
N LEU A 78 -6.95 7.75 -9.63
CA LEU A 78 -7.75 8.72 -8.89
C LEU A 78 -7.67 10.10 -9.50
N ALA A 79 -8.57 10.99 -9.09
CA ALA A 79 -8.60 12.35 -9.61
C ALA A 79 -9.00 13.34 -8.53
N ARG A 80 -8.37 14.51 -8.54
CA ARG A 80 -8.66 15.56 -7.56
C ARG A 80 -9.79 16.46 -8.04
N THR A 81 -10.60 16.95 -7.11
CA THR A 81 -11.72 17.82 -7.43
C THR A 81 -11.26 19.27 -7.58
N PRO A 82 -11.90 20.03 -8.50
CA PRO A 82 -11.54 21.43 -8.73
C PRO A 82 -12.05 22.35 -7.62
N GLU A 83 -13.17 21.97 -7.00
CA GLU A 83 -13.75 22.76 -5.93
C GLU A 83 -12.76 22.94 -4.79
N ASP A 84 -12.14 21.85 -4.36
CA ASP A 84 -11.17 21.89 -3.28
C ASP A 84 -10.09 20.84 -3.48
N ARG A 85 -8.97 21.01 -2.77
CA ARG A 85 -7.85 20.08 -2.87
C ARG A 85 -7.87 19.08 -1.73
N LYS A 86 -9.07 18.69 -1.31
CA LYS A 86 -9.23 17.74 -0.21
C LYS A 86 -10.22 16.64 -0.59
N VAL A 87 -10.36 16.37 -1.88
CA VAL A 87 -11.27 15.35 -2.37
C VAL A 87 -10.66 14.58 -3.53
N TYR A 88 -11.02 13.30 -3.64
CA TYR A 88 -10.50 12.45 -4.71
C TYR A 88 -11.63 11.65 -5.36
N THR A 89 -11.38 11.16 -6.56
CA THR A 89 -12.37 10.37 -7.29
C THR A 89 -11.76 9.07 -7.80
N TYR A 90 -12.58 8.25 -8.44
CA TYR A 90 -12.13 6.97 -8.98
C TYR A 90 -12.33 6.90 -10.49
N VAL A 91 -11.25 6.70 -11.22
CA VAL A 91 -11.32 6.61 -12.67
C VAL A 91 -10.53 5.42 -13.20
N ALA A 92 -10.47 4.36 -12.40
CA ALA A 92 -9.74 3.15 -12.78
C ALA A 92 -10.69 1.98 -12.97
N MET A 1 39.62 -51.86 7.94
CA MET A 1 39.27 -50.73 8.80
C MET A 1 37.76 -50.53 8.84
N ALA A 2 37.29 -49.79 9.83
CA ALA A 2 35.87 -49.51 9.98
C ALA A 2 35.41 -48.45 8.98
N ALA A 3 34.12 -48.15 9.00
CA ALA A 3 33.56 -47.15 8.09
C ALA A 3 32.18 -46.70 8.56
N LYS A 4 31.98 -46.68 9.88
CA LYS A 4 30.71 -46.27 10.45
C LYS A 4 30.72 -44.79 10.81
N GLN A 5 29.64 -44.09 10.48
CA GLN A 5 29.53 -42.67 10.76
C GLN A 5 30.63 -41.88 10.05
N GLY A 6 30.52 -40.56 10.08
CA GLY A 6 31.49 -39.71 9.43
C GLY A 6 30.93 -38.97 8.24
N GLU A 7 29.64 -38.65 8.30
CA GLU A 7 28.98 -37.93 7.22
C GLU A 7 28.98 -36.44 7.48
N SER A 8 28.64 -35.66 6.45
CA SER A 8 28.61 -34.21 6.57
C SER A 8 27.34 -33.64 5.95
N ASP A 9 26.81 -32.58 6.55
CA ASP A 9 25.60 -31.94 6.06
C ASP A 9 25.40 -30.56 6.69
N PRO A 10 26.31 -29.61 6.39
CA PRO A 10 26.23 -28.26 6.94
C PRO A 10 24.89 -27.60 6.66
N GLU A 11 24.81 -26.29 6.92
CA GLU A 11 23.59 -25.54 6.70
C GLU A 11 23.61 -24.84 5.34
N ARG A 12 24.13 -25.52 4.33
CA ARG A 12 24.22 -24.96 2.99
C ARG A 12 22.83 -24.62 2.45
N LYS A 13 22.79 -23.75 1.44
CA LYS A 13 21.53 -23.34 0.84
C LYS A 13 20.62 -22.67 1.87
N GLU A 14 20.53 -21.36 1.81
CA GLU A 14 19.70 -20.60 2.73
C GLU A 14 19.57 -19.15 2.30
N THR A 15 19.16 -18.95 1.05
CA THR A 15 18.99 -17.60 0.50
C THR A 15 17.66 -17.49 -0.24
N ARG A 16 16.63 -18.14 0.29
CA ARG A 16 15.31 -18.10 -0.31
C ARG A 16 14.25 -18.53 0.68
N GLN A 17 13.77 -17.57 1.47
CA GLN A 17 12.74 -17.84 2.47
C GLN A 17 11.35 -17.52 1.92
N LYS A 18 11.22 -16.36 1.29
CA LYS A 18 9.94 -15.94 0.72
C LYS A 18 10.11 -14.65 -0.08
N VAL A 19 9.26 -14.49 -1.09
CA VAL A 19 9.32 -13.30 -1.94
C VAL A 19 8.05 -12.46 -1.77
N ASP A 20 6.92 -13.12 -1.58
CA ASP A 20 5.65 -12.43 -1.41
C ASP A 20 5.57 -11.75 -0.04
N ASP A 21 5.77 -10.44 -0.03
CA ASP A 21 5.73 -9.67 1.21
C ASP A 21 4.82 -8.45 1.06
N ASP A 22 4.42 -7.88 2.19
CA ASP A 22 3.55 -6.71 2.20
C ASP A 22 4.16 -5.59 3.03
N ARG A 23 4.24 -4.40 2.43
CA ARG A 23 4.79 -3.23 3.10
C ARG A 23 4.20 -1.95 2.53
N LYS A 24 4.60 -1.63 1.30
CA LYS A 24 4.10 -0.43 0.63
C LYS A 24 3.04 -0.79 -0.40
N HIS A 25 2.38 -1.92 -0.20
CA HIS A 25 1.34 -2.38 -1.11
C HIS A 25 0.00 -2.53 -0.38
N GLU A 26 0.06 -3.02 0.86
CA GLU A 26 -1.14 -3.21 1.67
C GLU A 26 -1.93 -1.92 1.78
N ILE A 27 -1.24 -0.82 2.02
CA ILE A 27 -1.87 0.48 2.15
C ILE A 27 -2.33 1.02 0.80
N GLU A 28 -1.52 0.80 -0.22
CA GLU A 28 -1.83 1.26 -1.56
C GLU A 28 -3.08 0.55 -2.10
N ALA A 29 -3.12 -0.77 -1.91
CA ALA A 29 -4.26 -1.56 -2.37
C ALA A 29 -5.54 -1.15 -1.65
N ALA A 30 -5.40 -0.70 -0.41
CA ALA A 30 -6.55 -0.26 0.38
C ALA A 30 -7.20 0.97 -0.24
N ILE A 31 -6.38 1.87 -0.75
CA ILE A 31 -6.87 3.08 -1.38
C ILE A 31 -7.72 2.77 -2.60
N VAL A 32 -7.25 1.82 -3.41
CA VAL A 32 -7.98 1.42 -4.61
C VAL A 32 -9.22 0.60 -4.25
N ARG A 33 -9.15 -0.12 -3.14
CA ARG A 33 -10.26 -0.94 -2.69
C ARG A 33 -11.41 -0.08 -2.20
N ILE A 34 -11.10 0.88 -1.33
CA ILE A 34 -12.11 1.78 -0.79
C ILE A 34 -12.68 2.68 -1.88
N MET A 35 -11.81 3.26 -2.69
CA MET A 35 -12.23 4.14 -3.78
C MET A 35 -13.14 3.40 -4.75
N LYS A 36 -12.95 2.09 -4.87
CA LYS A 36 -13.76 1.28 -5.77
C LYS A 36 -15.22 1.28 -5.35
N SER A 37 -15.45 1.37 -4.04
CA SER A 37 -16.82 1.37 -3.50
C SER A 37 -17.24 2.79 -3.13
N ARG A 38 -16.35 3.51 -2.46
CA ARG A 38 -16.64 4.88 -2.03
C ARG A 38 -16.65 5.83 -3.23
N LYS A 39 -15.82 5.52 -4.23
CA LYS A 39 -15.73 6.34 -5.43
C LYS A 39 -15.21 7.74 -5.09
N LYS A 40 -16.10 8.60 -4.59
CA LYS A 40 -15.72 9.96 -4.22
C LYS A 40 -15.45 10.06 -2.73
N MET A 41 -14.17 10.17 -2.38
CA MET A 41 -13.78 10.27 -0.98
C MET A 41 -12.81 11.44 -0.77
N GLN A 42 -12.87 12.04 0.41
CA GLN A 42 -12.00 13.17 0.74
C GLN A 42 -10.60 12.69 1.12
N HIS A 43 -9.70 13.64 1.36
CA HIS A 43 -8.33 13.30 1.73
C HIS A 43 -8.27 12.74 3.14
N ASN A 44 -8.68 13.53 4.12
CA ASN A 44 -8.68 13.11 5.52
C ASN A 44 -9.52 11.85 5.70
N VAL A 45 -10.69 11.82 5.05
CA VAL A 45 -11.58 10.67 5.15
C VAL A 45 -10.89 9.40 4.65
N LEU A 46 -10.13 9.54 3.58
CA LEU A 46 -9.41 8.40 3.00
C LEU A 46 -8.30 7.94 3.94
N VAL A 47 -7.65 8.89 4.60
CA VAL A 47 -6.57 8.58 5.53
C VAL A 47 -7.12 7.93 6.80
N ALA A 48 -8.10 8.58 7.41
CA ALA A 48 -8.71 8.07 8.64
C ALA A 48 -9.30 6.67 8.43
N GLU A 49 -9.67 6.38 7.19
CA GLU A 49 -10.25 5.08 6.86
C GLU A 49 -9.16 4.03 6.64
N VAL A 50 -8.32 4.26 5.63
CA VAL A 50 -7.24 3.33 5.31
C VAL A 50 -6.38 3.03 6.53
N THR A 51 -6.33 3.98 7.47
CA THR A 51 -5.53 3.82 8.67
C THR A 51 -6.27 2.97 9.71
N GLN A 52 -7.49 3.38 10.04
CA GLN A 52 -8.30 2.66 11.02
C GLN A 52 -8.67 1.27 10.51
N GLN A 53 -8.97 1.18 9.21
CA GLN A 53 -9.34 -0.09 8.60
C GLN A 53 -8.19 -1.09 8.65
N LEU A 54 -6.98 -0.60 8.39
CA LEU A 54 -5.79 -1.45 8.41
C LEU A 54 -5.05 -1.32 9.74
N LYS A 55 -5.81 -1.12 10.81
CA LYS A 55 -5.23 -0.99 12.15
C LYS A 55 -5.49 -2.25 12.97
N ALA A 56 -5.58 -3.39 12.31
CA ALA A 56 -5.82 -4.65 12.98
C ALA A 56 -4.65 -5.61 12.80
N ARG A 57 -4.15 -5.71 11.58
CA ARG A 57 -3.02 -6.57 11.28
C ARG A 57 -1.70 -5.84 11.49
N PHE A 58 -1.68 -4.56 11.15
CA PHE A 58 -0.48 -3.75 11.32
C PHE A 58 -0.84 -2.31 11.68
N LEU A 59 0.18 -1.47 11.82
CA LEU A 59 -0.03 -0.07 12.18
C LEU A 59 0.55 0.85 11.10
N PRO A 60 -0.25 1.20 10.08
CA PRO A 60 0.19 2.08 9.00
C PRO A 60 0.33 3.53 9.45
N SER A 61 0.51 4.43 8.48
CA SER A 61 0.66 5.85 8.78
C SER A 61 0.32 6.70 7.56
N PRO A 62 -0.42 7.80 7.74
CA PRO A 62 -0.80 8.69 6.64
C PRO A 62 0.38 9.14 5.80
N VAL A 63 1.56 9.19 6.44
CA VAL A 63 2.78 9.60 5.76
C VAL A 63 2.93 8.89 4.41
N VAL A 64 2.98 7.57 4.44
CA VAL A 64 3.12 6.78 3.23
C VAL A 64 1.86 6.86 2.38
N ILE A 65 0.71 6.94 3.04
CA ILE A 65 -0.57 7.03 2.35
C ILE A 65 -0.62 8.26 1.45
N LYS A 66 -0.23 9.42 2.00
CA LYS A 66 -0.23 10.66 1.25
C LYS A 66 0.56 10.53 -0.05
N LYS A 67 1.74 9.93 0.05
CA LYS A 67 2.60 9.73 -1.11
C LYS A 67 1.92 8.84 -2.15
N ARG A 68 1.26 7.79 -1.68
CA ARG A 68 0.57 6.86 -2.57
C ARG A 68 -0.54 7.57 -3.33
N ILE A 69 -1.26 8.45 -2.65
CA ILE A 69 -2.36 9.19 -3.28
C ILE A 69 -1.85 10.02 -4.45
N GLU A 70 -0.84 10.85 -4.20
CA GLU A 70 -0.27 11.71 -5.23
C GLU A 70 0.22 10.87 -6.42
N GLY A 71 0.62 9.63 -6.14
CA GLY A 71 1.10 8.76 -7.19
C GLY A 71 -0.03 8.07 -7.94
N LEU A 72 -1.14 7.86 -7.24
CA LEU A 72 -2.30 7.21 -7.84
C LEU A 72 -2.97 8.10 -8.87
N ILE A 73 -3.12 9.38 -8.52
CA ILE A 73 -3.75 10.34 -9.41
C ILE A 73 -2.96 10.46 -10.72
N GLU A 74 -1.64 10.39 -10.61
CA GLU A 74 -0.77 10.49 -11.78
C GLU A 74 -0.80 9.19 -12.59
N ARG A 75 -1.22 8.10 -11.96
CA ARG A 75 -1.28 6.81 -12.62
C ARG A 75 -2.68 6.56 -13.20
N GLU A 76 -3.45 7.61 -13.36
CA GLU A 76 -4.80 7.51 -13.91
C GLU A 76 -5.68 6.61 -13.04
N TYR A 77 -5.35 6.53 -11.75
CA TYR A 77 -6.12 5.72 -10.83
C TYR A 77 -7.19 6.54 -10.12
N LEU A 78 -6.78 7.69 -9.58
CA LEU A 78 -7.69 8.59 -8.89
C LEU A 78 -7.73 9.95 -9.56
N ALA A 79 -8.75 10.74 -9.24
CA ALA A 79 -8.89 12.07 -9.82
C ALA A 79 -9.35 13.07 -8.77
N ARG A 80 -9.03 14.35 -8.99
CA ARG A 80 -9.40 15.40 -8.06
C ARG A 80 -10.72 16.06 -8.48
N THR A 81 -11.38 16.71 -7.53
CA THR A 81 -12.65 17.37 -7.79
C THR A 81 -12.43 18.84 -8.16
N PRO A 82 -12.98 19.29 -9.30
CA PRO A 82 -12.84 20.68 -9.75
C PRO A 82 -13.29 21.67 -8.68
N GLU A 83 -14.24 21.26 -7.86
CA GLU A 83 -14.76 22.11 -6.80
C GLU A 83 -13.66 22.47 -5.80
N ASP A 84 -13.19 21.46 -5.07
CA ASP A 84 -12.14 21.67 -4.08
C ASP A 84 -10.94 20.78 -4.36
N ARG A 85 -9.79 21.16 -3.81
CA ARG A 85 -8.55 20.40 -4.00
C ARG A 85 -8.29 19.49 -2.81
N LYS A 86 -9.36 19.05 -2.14
CA LYS A 86 -9.24 18.18 -0.99
C LYS A 86 -10.17 16.97 -1.12
N VAL A 87 -10.44 16.57 -2.36
CA VAL A 87 -11.31 15.43 -2.64
C VAL A 87 -10.80 14.62 -3.81
N TYR A 88 -10.91 13.30 -3.71
CA TYR A 88 -10.45 12.41 -4.78
C TYR A 88 -11.61 11.58 -5.32
N THR A 89 -11.39 10.97 -6.49
CA THR A 89 -12.41 10.15 -7.13
C THR A 89 -11.79 8.98 -7.86
N TYR A 90 -12.57 7.93 -8.10
CA TYR A 90 -12.08 6.76 -8.79
C TYR A 90 -12.48 6.79 -10.27
N VAL A 91 -11.48 6.69 -11.14
CA VAL A 91 -11.72 6.71 -12.58
C VAL A 91 -11.25 5.42 -13.25
N ALA A 92 -10.66 4.52 -12.47
CA ALA A 92 -10.17 3.25 -13.00
C ALA A 92 -11.23 2.16 -12.86
N MET A 1 17.64 -44.42 -36.78
CA MET A 1 17.49 -45.32 -35.64
C MET A 1 17.80 -44.60 -34.33
N ALA A 2 16.78 -44.45 -33.49
CA ALA A 2 16.95 -43.78 -32.21
C ALA A 2 15.68 -43.88 -31.37
N ALA A 3 15.84 -44.24 -30.10
CA ALA A 3 14.70 -44.37 -29.20
C ALA A 3 14.53 -43.12 -28.34
N LYS A 4 15.35 -42.99 -27.31
CA LYS A 4 15.29 -41.83 -26.42
C LYS A 4 13.92 -41.74 -25.76
N GLN A 5 13.29 -42.89 -25.53
CA GLN A 5 11.98 -42.93 -24.91
C GLN A 5 12.09 -42.78 -23.39
N GLY A 6 10.99 -42.36 -22.76
CA GLY A 6 11.00 -42.18 -21.32
C GLY A 6 11.21 -40.73 -20.92
N GLU A 7 10.28 -40.20 -20.12
CA GLU A 7 10.37 -38.82 -19.67
C GLU A 7 11.34 -38.69 -18.50
N SER A 8 12.29 -37.78 -18.64
CA SER A 8 13.29 -37.57 -17.60
C SER A 8 12.71 -36.73 -16.45
N ASP A 9 12.24 -35.54 -16.78
CA ASP A 9 11.64 -34.65 -15.78
C ASP A 9 10.30 -34.12 -16.25
N PRO A 10 9.21 -34.88 -16.01
CA PRO A 10 7.86 -34.47 -16.40
C PRO A 10 7.48 -33.09 -15.87
N GLU A 11 7.43 -32.96 -14.55
CA GLU A 11 7.09 -31.69 -13.92
C GLU A 11 7.61 -31.64 -12.49
N ARG A 12 8.65 -30.85 -12.26
CA ARG A 12 9.23 -30.70 -10.93
C ARG A 12 9.92 -29.35 -10.78
N LYS A 13 9.36 -28.34 -11.44
CA LYS A 13 9.92 -26.99 -11.38
C LYS A 13 8.82 -25.96 -11.14
N GLU A 14 8.33 -25.88 -9.92
CA GLU A 14 7.27 -24.94 -9.57
C GLU A 14 7.50 -24.34 -8.18
N THR A 15 7.34 -23.04 -8.06
CA THR A 15 7.52 -22.35 -6.79
C THR A 15 7.21 -20.86 -6.92
N ARG A 16 7.60 -20.27 -8.05
CA ARG A 16 7.37 -18.85 -8.29
C ARG A 16 8.08 -17.99 -7.26
N GLN A 17 8.33 -16.73 -7.61
CA GLN A 17 9.00 -15.80 -6.72
C GLN A 17 8.02 -15.07 -5.83
N LYS A 18 6.82 -14.81 -6.36
CA LYS A 18 5.78 -14.11 -5.61
C LYS A 18 5.04 -15.08 -4.69
N VAL A 19 5.20 -14.87 -3.38
CA VAL A 19 4.55 -15.71 -2.39
C VAL A 19 3.77 -14.88 -1.38
N ASP A 20 4.40 -13.82 -0.89
CA ASP A 20 3.76 -12.94 0.08
C ASP A 20 4.59 -11.68 0.31
N ASP A 21 4.34 -10.65 -0.49
CA ASP A 21 5.06 -9.39 -0.39
C ASP A 21 4.17 -8.30 0.18
N ASP A 22 4.66 -7.60 1.20
CA ASP A 22 3.91 -6.52 1.83
C ASP A 22 4.84 -5.50 2.47
N ARG A 23 4.94 -4.33 1.86
CA ARG A 23 5.80 -3.26 2.35
C ARG A 23 5.38 -1.93 1.75
N LYS A 24 4.62 -1.15 2.51
CA LYS A 24 4.14 0.14 2.05
C LYS A 24 3.36 0.01 0.76
N HIS A 25 2.76 -1.17 0.56
CA HIS A 25 1.97 -1.45 -0.63
C HIS A 25 0.53 -1.79 -0.27
N GLU A 26 0.37 -2.57 0.79
CA GLU A 26 -0.95 -2.99 1.25
C GLU A 26 -1.86 -1.78 1.48
N ILE A 27 -1.25 -0.64 1.82
CA ILE A 27 -2.01 0.58 2.07
C ILE A 27 -2.50 1.18 0.76
N GLU A 28 -1.72 1.03 -0.29
CA GLU A 28 -2.08 1.56 -1.61
C GLU A 28 -3.26 0.77 -2.20
N ALA A 29 -3.19 -0.56 -2.10
CA ALA A 29 -4.23 -1.41 -2.62
C ALA A 29 -5.57 -1.16 -1.91
N ALA A 30 -5.48 -0.79 -0.64
CA ALA A 30 -6.68 -0.52 0.15
C ALA A 30 -7.44 0.68 -0.40
N ILE A 31 -6.70 1.75 -0.72
CA ILE A 31 -7.32 2.95 -1.26
C ILE A 31 -8.02 2.67 -2.58
N VAL A 32 -7.44 1.78 -3.38
CA VAL A 32 -8.02 1.41 -4.67
C VAL A 32 -9.28 0.57 -4.48
N ARG A 33 -9.32 -0.19 -3.39
CA ARG A 33 -10.46 -1.05 -3.09
C ARG A 33 -11.63 -0.21 -2.58
N ILE A 34 -11.35 0.71 -1.67
CA ILE A 34 -12.38 1.57 -1.10
C ILE A 34 -12.96 2.50 -2.17
N MET A 35 -12.10 3.07 -2.99
CA MET A 35 -12.52 3.97 -4.05
C MET A 35 -13.34 3.23 -5.10
N LYS A 36 -13.04 1.95 -5.29
CA LYS A 36 -13.74 1.13 -6.26
C LYS A 36 -15.23 1.07 -5.94
N SER A 37 -15.56 1.11 -4.65
CA SER A 37 -16.95 1.06 -4.21
C SER A 37 -17.46 2.46 -3.87
N ARG A 38 -16.83 3.10 -2.91
CA ARG A 38 -17.23 4.44 -2.49
C ARG A 38 -17.16 5.42 -3.66
N LYS A 39 -16.32 5.11 -4.64
CA LYS A 39 -16.16 5.96 -5.82
C LYS A 39 -15.48 7.28 -5.44
N LYS A 40 -16.21 8.13 -4.72
CA LYS A 40 -15.67 9.41 -4.31
C LYS A 40 -15.35 9.42 -2.82
N MET A 41 -14.36 10.20 -2.43
CA MET A 41 -13.95 10.29 -1.03
C MET A 41 -13.04 11.50 -0.80
N GLN A 42 -12.87 11.88 0.46
CA GLN A 42 -12.02 13.02 0.81
C GLN A 42 -10.67 12.55 1.32
N HIS A 43 -9.76 13.50 1.54
CA HIS A 43 -8.43 13.19 2.03
C HIS A 43 -8.49 12.59 3.43
N ASN A 44 -9.14 13.30 4.35
CA ASN A 44 -9.27 12.83 5.72
C ASN A 44 -10.07 11.53 5.79
N VAL A 45 -11.18 11.49 5.04
CA VAL A 45 -12.03 10.30 5.01
C VAL A 45 -11.26 9.09 4.53
N LEU A 46 -10.47 9.27 3.47
CA LEU A 46 -9.67 8.19 2.91
C LEU A 46 -8.61 7.72 3.90
N VAL A 47 -8.00 8.68 4.60
CA VAL A 47 -6.98 8.37 5.58
C VAL A 47 -7.57 7.69 6.81
N ALA A 48 -8.62 8.30 7.36
CA ALA A 48 -9.28 7.75 8.54
C ALA A 48 -9.79 6.34 8.28
N GLU A 49 -10.11 6.04 7.03
CA GLU A 49 -10.61 4.73 6.65
C GLU A 49 -9.45 3.76 6.44
N VAL A 50 -8.54 4.11 5.55
CA VAL A 50 -7.38 3.26 5.25
C VAL A 50 -6.52 3.05 6.50
N THR A 51 -6.40 4.10 7.31
CA THR A 51 -5.59 4.02 8.53
C THR A 51 -6.21 3.05 9.53
N GLN A 52 -7.51 3.20 9.77
CA GLN A 52 -8.22 2.34 10.71
C GLN A 52 -8.39 0.94 10.13
N GLN A 53 -8.68 0.88 8.84
CA GLN A 53 -8.88 -0.40 8.16
C GLN A 53 -7.64 -1.27 8.27
N LEU A 54 -6.47 -0.65 8.09
CA LEU A 54 -5.21 -1.37 8.17
C LEU A 54 -4.47 -1.04 9.45
N LYS A 55 -5.23 -0.87 10.53
CA LYS A 55 -4.65 -0.56 11.84
C LYS A 55 -4.42 -1.82 12.66
N ALA A 56 -5.29 -2.81 12.47
CA ALA A 56 -5.19 -4.06 13.20
C ALA A 56 -3.94 -4.83 12.80
N ARG A 57 -3.52 -4.66 11.54
CA ARG A 57 -2.33 -5.33 11.03
C ARG A 57 -1.06 -4.67 11.57
N PHE A 58 -0.98 -3.36 11.43
CA PHE A 58 0.18 -2.61 11.89
C PHE A 58 -0.08 -1.10 11.82
N LEU A 59 0.99 -0.31 11.90
CA LEU A 59 0.86 1.14 11.85
C LEU A 59 1.09 1.66 10.43
N PRO A 60 0.01 2.04 9.72
CA PRO A 60 0.10 2.55 8.34
C PRO A 60 0.62 3.98 8.29
N SER A 61 0.12 4.82 9.18
CA SER A 61 0.53 6.22 9.23
C SER A 61 0.16 6.94 7.93
N PRO A 62 -0.69 7.99 8.02
CA PRO A 62 -1.11 8.76 6.85
C PRO A 62 0.06 9.18 5.97
N VAL A 63 1.23 9.31 6.58
CA VAL A 63 2.44 9.71 5.87
C VAL A 63 2.59 8.96 4.54
N VAL A 64 2.69 7.64 4.63
CA VAL A 64 2.84 6.81 3.44
C VAL A 64 1.57 6.84 2.59
N ILE A 65 0.43 6.95 3.25
CA ILE A 65 -0.86 6.99 2.56
C ILE A 65 -0.93 8.19 1.62
N LYS A 66 -0.63 9.38 2.14
CA LYS A 66 -0.67 10.59 1.33
C LYS A 66 0.18 10.44 0.07
N LYS A 67 1.34 9.83 0.21
CA LYS A 67 2.24 9.62 -0.92
C LYS A 67 1.66 8.59 -1.88
N ARG A 68 0.98 7.60 -1.34
CA ARG A 68 0.37 6.55 -2.15
C ARG A 68 -0.72 7.11 -3.05
N ILE A 69 -1.50 8.04 -2.51
CA ILE A 69 -2.59 8.66 -3.26
C ILE A 69 -2.04 9.47 -4.43
N GLU A 70 -1.00 10.26 -4.17
CA GLU A 70 -0.39 11.09 -5.20
C GLU A 70 0.05 10.25 -6.40
N GLY A 71 0.46 9.01 -6.12
CA GLY A 71 0.90 8.12 -7.18
C GLY A 71 -0.27 7.49 -7.92
N LEU A 72 -1.36 7.24 -7.20
CA LEU A 72 -2.55 6.63 -7.79
C LEU A 72 -3.15 7.55 -8.85
N ILE A 73 -3.25 8.84 -8.53
CA ILE A 73 -3.81 9.82 -9.45
C ILE A 73 -3.01 9.86 -10.76
N GLU A 74 -1.70 9.73 -10.64
CA GLU A 74 -0.82 9.76 -11.79
C GLU A 74 -0.94 8.47 -12.60
N ARG A 75 -1.47 7.42 -11.97
CA ARG A 75 -1.64 6.13 -12.65
C ARG A 75 -3.04 6.00 -13.26
N GLU A 76 -3.69 7.14 -13.50
CA GLU A 76 -5.02 7.14 -14.09
C GLU A 76 -5.99 6.34 -13.23
N TYR A 77 -5.74 6.28 -11.94
CA TYR A 77 -6.60 5.55 -11.01
C TYR A 77 -7.53 6.50 -10.28
N LEU A 78 -6.94 7.51 -9.63
CA LEU A 78 -7.72 8.49 -8.89
C LEU A 78 -7.57 9.88 -9.49
N ALA A 79 -8.23 10.87 -8.90
CA ALA A 79 -8.16 12.24 -9.38
C ALA A 79 -8.53 13.23 -8.29
N ARG A 80 -8.62 14.50 -8.66
CA ARG A 80 -8.96 15.55 -7.70
C ARG A 80 -10.16 16.35 -8.18
N THR A 81 -10.96 16.87 -7.23
CA THR A 81 -12.13 17.65 -7.57
C THR A 81 -11.76 19.10 -7.91
N PRO A 82 -12.59 19.77 -8.72
CA PRO A 82 -12.33 21.15 -9.13
C PRO A 82 -12.47 22.13 -7.96
N GLU A 83 -13.29 21.76 -6.98
CA GLU A 83 -13.51 22.60 -5.81
C GLU A 83 -12.28 22.61 -4.91
N ASP A 84 -12.00 21.46 -4.29
CA ASP A 84 -10.84 21.34 -3.40
C ASP A 84 -10.00 20.13 -3.78
N ARG A 85 -8.68 20.29 -3.65
CA ARG A 85 -7.75 19.21 -3.98
C ARG A 85 -7.83 18.07 -2.96
N LYS A 86 -8.26 18.42 -1.74
CA LYS A 86 -8.37 17.42 -0.67
C LYS A 86 -9.30 16.29 -1.08
N VAL A 87 -10.28 16.59 -1.92
CA VAL A 87 -11.22 15.59 -2.39
C VAL A 87 -10.68 14.84 -3.60
N TYR A 88 -11.13 13.60 -3.78
CA TYR A 88 -10.69 12.79 -4.90
C TYR A 88 -11.86 12.01 -5.50
N THR A 89 -11.69 11.59 -6.76
CA THR A 89 -12.73 10.83 -7.44
C THR A 89 -12.14 9.66 -8.22
N TYR A 90 -12.90 8.58 -8.33
CA TYR A 90 -12.44 7.39 -9.03
C TYR A 90 -12.66 7.54 -10.54
N VAL A 91 -11.56 7.51 -11.30
CA VAL A 91 -11.64 7.65 -12.75
C VAL A 91 -11.22 6.35 -13.44
N ALA A 92 -11.48 5.23 -12.78
CA ALA A 92 -11.13 3.92 -13.34
C ALA A 92 -12.05 2.83 -12.82
N MET A 1 51.12 -30.59 -20.12
CA MET A 1 50.11 -29.85 -19.38
C MET A 1 49.36 -28.88 -20.30
N ALA A 2 48.19 -28.44 -19.84
CA ALA A 2 47.38 -27.51 -20.62
C ALA A 2 46.87 -26.37 -19.76
N ALA A 3 45.95 -26.67 -18.86
CA ALA A 3 45.38 -25.67 -17.96
C ALA A 3 45.41 -26.14 -16.52
N LYS A 4 46.49 -25.81 -15.81
CA LYS A 4 46.64 -26.20 -14.41
C LYS A 4 47.46 -25.17 -13.66
N GLN A 5 47.34 -23.91 -14.06
CA GLN A 5 48.07 -22.83 -13.41
C GLN A 5 47.44 -21.48 -13.74
N GLY A 6 46.44 -21.09 -12.95
CA GLY A 6 45.77 -19.82 -13.16
C GLY A 6 45.10 -19.30 -11.92
N GLU A 7 43.89 -18.76 -12.07
CA GLU A 7 43.15 -18.22 -10.93
C GLU A 7 41.76 -17.76 -11.37
N SER A 8 40.74 -18.47 -10.92
CA SER A 8 39.36 -18.14 -11.26
C SER A 8 39.00 -16.74 -10.75
N ASP A 9 37.93 -16.18 -11.28
CA ASP A 9 37.48 -14.85 -10.90
C ASP A 9 36.27 -14.93 -9.97
N PRO A 10 36.14 -13.98 -9.04
CA PRO A 10 35.02 -13.94 -8.09
C PRO A 10 33.70 -13.58 -8.76
N GLU A 11 33.74 -12.56 -9.60
CA GLU A 11 32.55 -12.10 -10.32
C GLU A 11 31.46 -11.68 -9.33
N ARG A 12 31.62 -10.50 -8.75
CA ARG A 12 30.65 -9.99 -7.79
C ARG A 12 29.51 -9.28 -8.50
N LYS A 13 28.31 -9.35 -7.91
CA LYS A 13 27.14 -8.71 -8.49
C LYS A 13 26.05 -8.54 -7.44
N GLU A 14 25.54 -9.64 -6.91
CA GLU A 14 24.50 -9.61 -5.89
C GLU A 14 23.25 -8.93 -6.43
N THR A 15 22.42 -9.69 -7.13
CA THR A 15 21.18 -9.15 -7.70
C THR A 15 19.97 -9.94 -7.22
N ARG A 16 19.87 -10.11 -5.90
CA ARG A 16 18.75 -10.84 -5.31
C ARG A 16 17.83 -9.92 -4.53
N GLN A 17 18.29 -8.70 -4.28
CA GLN A 17 17.50 -7.72 -3.53
C GLN A 17 17.27 -8.17 -2.10
N LYS A 18 16.36 -9.11 -1.92
CA LYS A 18 16.05 -9.64 -0.59
C LYS A 18 15.58 -8.52 0.34
N VAL A 19 14.65 -7.70 -0.14
CA VAL A 19 14.13 -6.59 0.64
C VAL A 19 12.71 -6.87 1.11
N ASP A 20 11.98 -7.68 0.34
CA ASP A 20 10.61 -8.04 0.68
C ASP A 20 9.71 -6.81 0.67
N ASP A 21 8.86 -6.72 -0.35
CA ASP A 21 7.95 -5.59 -0.48
C ASP A 21 6.52 -6.01 -0.16
N ASP A 22 5.83 -5.19 0.65
CA ASP A 22 4.46 -5.49 1.03
C ASP A 22 3.89 -4.38 1.92
N ARG A 23 4.73 -3.86 2.81
CA ARG A 23 4.32 -2.79 3.72
C ARG A 23 3.75 -1.61 2.95
N LYS A 24 4.31 -1.34 1.78
CA LYS A 24 3.85 -0.23 0.95
C LYS A 24 2.91 -0.73 -0.15
N HIS A 25 2.07 -1.71 0.20
CA HIS A 25 1.11 -2.27 -0.74
C HIS A 25 -0.26 -2.44 -0.09
N GLU A 26 -0.27 -2.95 1.13
CA GLU A 26 -1.52 -3.16 1.85
C GLU A 26 -2.30 -1.86 2.00
N ILE A 27 -1.58 -0.75 2.09
CA ILE A 27 -2.21 0.56 2.23
C ILE A 27 -2.72 1.06 0.88
N GLU A 28 -1.95 0.80 -0.17
CA GLU A 28 -2.32 1.23 -1.52
C GLU A 28 -3.51 0.43 -2.02
N ALA A 29 -3.53 -0.87 -1.72
CA ALA A 29 -4.60 -1.75 -2.15
C ALA A 29 -5.93 -1.37 -1.48
N ALA A 30 -5.83 -0.93 -0.23
CA ALA A 30 -7.01 -0.53 0.53
C ALA A 30 -7.70 0.67 -0.12
N ILE A 31 -6.90 1.62 -0.58
CA ILE A 31 -7.44 2.82 -1.21
C ILE A 31 -8.20 2.46 -2.49
N VAL A 32 -7.69 1.48 -3.22
CA VAL A 32 -8.32 1.04 -4.46
C VAL A 32 -9.62 0.27 -4.18
N ARG A 33 -9.67 -0.37 -3.02
CA ARG A 33 -10.85 -1.15 -2.63
C ARG A 33 -12.00 -0.23 -2.22
N ILE A 34 -11.67 0.82 -1.48
CA ILE A 34 -12.66 1.77 -1.00
C ILE A 34 -13.18 2.64 -2.15
N MET A 35 -12.26 3.19 -2.93
CA MET A 35 -12.62 4.04 -4.06
C MET A 35 -13.49 3.29 -5.06
N LYS A 36 -13.29 1.97 -5.13
CA LYS A 36 -14.06 1.13 -6.04
C LYS A 36 -15.55 1.17 -5.71
N SER A 37 -15.85 1.37 -4.42
CA SER A 37 -17.23 1.42 -3.97
C SER A 37 -17.65 2.85 -3.65
N ARG A 38 -16.86 3.53 -2.82
CA ARG A 38 -17.15 4.90 -2.44
C ARG A 38 -17.04 5.83 -3.64
N LYS A 39 -16.15 5.51 -4.57
CA LYS A 39 -15.95 6.31 -5.76
C LYS A 39 -15.34 7.66 -5.41
N LYS A 40 -16.12 8.52 -4.77
CA LYS A 40 -15.66 9.84 -4.37
C LYS A 40 -15.38 9.89 -2.88
N MET A 41 -14.10 10.10 -2.53
CA MET A 41 -13.71 10.17 -1.12
C MET A 41 -12.78 11.35 -0.89
N GLN A 42 -12.81 11.89 0.33
CA GLN A 42 -11.96 13.03 0.68
C GLN A 42 -10.62 12.56 1.23
N HIS A 43 -9.68 13.50 1.36
CA HIS A 43 -8.35 13.18 1.87
C HIS A 43 -8.43 12.64 3.30
N ASN A 44 -9.03 13.44 4.19
CA ASN A 44 -9.16 13.04 5.59
C ASN A 44 -9.96 11.74 5.71
N VAL A 45 -11.06 11.66 4.96
CA VAL A 45 -11.91 10.47 5.00
C VAL A 45 -11.13 9.22 4.59
N LEU A 46 -10.40 9.33 3.48
CA LEU A 46 -9.61 8.21 2.98
C LEU A 46 -8.54 7.80 3.99
N VAL A 47 -8.00 8.78 4.69
CA VAL A 47 -6.96 8.53 5.69
C VAL A 47 -7.54 7.89 6.94
N ALA A 48 -8.82 8.17 7.21
CA ALA A 48 -9.49 7.62 8.38
C ALA A 48 -9.89 6.17 8.17
N GLU A 49 -10.45 5.88 7.00
CA GLU A 49 -10.90 4.52 6.67
C GLU A 49 -9.70 3.58 6.48
N VAL A 50 -8.78 3.98 5.61
CA VAL A 50 -7.59 3.18 5.34
C VAL A 50 -6.78 2.91 6.60
N THR A 51 -6.41 3.98 7.30
CA THR A 51 -5.62 3.87 8.52
C THR A 51 -6.33 2.98 9.54
N GLN A 52 -7.63 3.18 9.71
CA GLN A 52 -8.40 2.39 10.67
C GLN A 52 -8.62 0.97 10.14
N GLN A 53 -8.67 0.83 8.83
CA GLN A 53 -8.87 -0.47 8.20
C GLN A 53 -7.64 -1.35 8.37
N LEU A 54 -6.46 -0.75 8.31
CA LEU A 54 -5.21 -1.48 8.45
C LEU A 54 -4.54 -1.16 9.78
N LYS A 55 -5.32 -1.22 10.86
CA LYS A 55 -4.79 -0.94 12.19
C LYS A 55 -4.69 -2.22 13.01
N ALA A 56 -4.47 -3.34 12.33
CA ALA A 56 -4.34 -4.63 13.00
C ALA A 56 -3.00 -5.27 12.69
N ARG A 57 -2.58 -5.18 11.43
CA ARG A 57 -1.31 -5.75 11.00
C ARG A 57 -0.15 -4.88 11.44
N PHE A 58 -0.33 -3.56 11.37
CA PHE A 58 0.71 -2.62 11.76
C PHE A 58 0.21 -1.19 11.65
N LEU A 59 1.12 -0.24 11.84
CA LEU A 59 0.77 1.18 11.76
C LEU A 59 1.03 1.73 10.36
N PRO A 60 -0.03 1.92 9.56
CA PRO A 60 0.10 2.45 8.20
C PRO A 60 0.56 3.90 8.18
N SER A 61 0.01 4.71 9.06
CA SER A 61 0.36 6.12 9.16
C SER A 61 -0.01 6.86 7.87
N PRO A 62 -0.78 7.96 7.98
CA PRO A 62 -1.21 8.74 6.83
C PRO A 62 -0.03 9.17 5.95
N VAL A 63 1.14 9.29 6.55
CA VAL A 63 2.35 9.70 5.83
C VAL A 63 2.48 8.95 4.51
N VAL A 64 2.69 7.65 4.58
CA VAL A 64 2.84 6.83 3.38
C VAL A 64 1.59 6.90 2.51
N ILE A 65 0.42 6.98 3.16
CA ILE A 65 -0.85 7.06 2.46
C ILE A 65 -0.88 8.28 1.54
N LYS A 66 -0.37 9.39 2.03
CA LYS A 66 -0.35 10.63 1.25
C LYS A 66 0.45 10.44 -0.03
N LYS A 67 1.64 9.86 0.08
CA LYS A 67 2.49 9.63 -1.07
C LYS A 67 1.83 8.67 -2.06
N ARG A 68 1.16 7.65 -1.53
CA ARG A 68 0.47 6.67 -2.37
C ARG A 68 -0.58 7.34 -3.24
N ILE A 69 -1.35 8.24 -2.64
CA ILE A 69 -2.40 8.94 -3.36
C ILE A 69 -1.81 9.74 -4.53
N GLU A 70 -0.70 10.41 -4.28
CA GLU A 70 -0.04 11.21 -5.31
C GLU A 70 0.34 10.34 -6.51
N GLY A 71 0.69 9.09 -6.25
CA GLY A 71 1.07 8.19 -7.32
C GLY A 71 -0.13 7.64 -8.07
N LEU A 72 -1.26 7.55 -7.38
CA LEU A 72 -2.49 7.03 -7.99
C LEU A 72 -3.04 8.02 -9.02
N ILE A 73 -3.10 9.28 -8.63
CA ILE A 73 -3.61 10.32 -9.53
C ILE A 73 -2.80 10.37 -10.82
N GLU A 74 -1.48 10.24 -10.69
CA GLU A 74 -0.60 10.27 -11.84
C GLU A 74 -0.67 8.95 -12.61
N ARG A 75 -1.09 7.89 -11.94
CA ARG A 75 -1.20 6.58 -12.57
C ARG A 75 -2.61 6.35 -13.13
N GLU A 76 -3.37 7.43 -13.29
CA GLU A 76 -4.73 7.34 -13.82
C GLU A 76 -5.63 6.51 -12.91
N TYR A 77 -5.30 6.48 -11.62
CA TYR A 77 -6.09 5.73 -10.65
C TYR A 77 -7.17 6.61 -10.02
N LEU A 78 -6.74 7.75 -9.49
CA LEU A 78 -7.67 8.69 -8.87
C LEU A 78 -7.60 10.06 -9.54
N ALA A 79 -8.46 10.97 -9.11
CA ALA A 79 -8.50 12.31 -9.68
C ALA A 79 -8.99 13.33 -8.67
N ARG A 80 -8.55 14.57 -8.80
CA ARG A 80 -8.95 15.64 -7.89
C ARG A 80 -10.13 16.42 -8.46
N THR A 81 -10.98 16.92 -7.57
CA THR A 81 -12.14 17.70 -7.98
C THR A 81 -11.80 19.18 -8.16
N PRO A 82 -12.51 19.88 -9.05
CA PRO A 82 -12.27 21.30 -9.30
C PRO A 82 -12.67 22.18 -8.13
N GLU A 83 -13.69 21.75 -7.39
CA GLU A 83 -14.18 22.49 -6.23
C GLU A 83 -13.07 22.66 -5.20
N ASP A 84 -12.54 21.53 -4.72
CA ASP A 84 -11.48 21.56 -3.73
C ASP A 84 -10.36 20.59 -4.10
N ARG A 85 -9.17 20.82 -3.56
CA ARG A 85 -8.02 19.96 -3.84
C ARG A 85 -7.84 18.91 -2.74
N LYS A 86 -8.92 18.63 -2.02
CA LYS A 86 -8.86 17.64 -0.94
C LYS A 86 -9.73 16.42 -1.26
N VAL A 87 -10.62 16.57 -2.24
CA VAL A 87 -11.51 15.49 -2.64
C VAL A 87 -10.92 14.69 -3.80
N TYR A 88 -11.12 13.38 -3.77
CA TYR A 88 -10.61 12.50 -4.83
C TYR A 88 -11.74 11.73 -5.49
N THR A 89 -11.47 11.17 -6.66
CA THR A 89 -12.46 10.40 -7.38
C THR A 89 -11.83 9.17 -8.04
N TYR A 90 -12.57 8.07 -8.05
CA TYR A 90 -12.09 6.83 -8.64
C TYR A 90 -12.24 6.85 -10.16
N VAL A 91 -11.17 7.20 -10.85
CA VAL A 91 -11.18 7.26 -12.31
C VAL A 91 -10.50 6.03 -12.92
N ALA A 92 -10.58 4.91 -12.22
CA ALA A 92 -9.98 3.67 -12.70
C ALA A 92 -11.05 2.68 -13.16
N MET A 1 54.55 -17.30 17.59
CA MET A 1 53.50 -17.85 18.44
C MET A 1 52.80 -16.74 19.22
N ALA A 2 53.58 -15.82 19.77
CA ALA A 2 53.04 -14.71 20.54
C ALA A 2 52.25 -13.76 19.65
N ALA A 3 52.73 -13.57 18.42
CA ALA A 3 52.08 -12.68 17.47
C ALA A 3 52.06 -11.24 17.97
N LYS A 4 51.13 -10.94 18.86
CA LYS A 4 51.01 -9.59 19.42
C LYS A 4 50.75 -8.57 18.31
N GLN A 5 50.72 -7.29 18.69
CA GLN A 5 50.49 -6.22 17.73
C GLN A 5 49.12 -6.38 17.07
N GLY A 6 48.16 -5.57 17.49
CA GLY A 6 46.82 -5.65 16.92
C GLY A 6 45.74 -5.70 17.99
N GLU A 7 44.87 -4.69 18.00
CA GLU A 7 43.79 -4.63 18.97
C GLU A 7 42.49 -5.14 18.36
N SER A 8 41.65 -5.75 19.20
CA SER A 8 40.37 -6.28 18.74
C SER A 8 39.31 -5.17 18.69
N ASP A 9 38.29 -5.38 17.86
CA ASP A 9 37.21 -4.41 17.72
C ASP A 9 36.03 -5.02 16.98
N PRO A 10 35.00 -5.49 17.72
CA PRO A 10 33.81 -6.09 17.11
C PRO A 10 32.97 -5.08 16.33
N GLU A 11 33.06 -5.14 15.01
CA GLU A 11 32.31 -4.23 14.14
C GLU A 11 32.05 -4.86 12.78
N ARG A 12 31.94 -6.19 12.76
CA ARG A 12 31.69 -6.91 11.52
C ARG A 12 30.38 -7.68 11.59
N LYS A 13 29.42 -7.14 12.34
CA LYS A 13 28.12 -7.78 12.49
C LYS A 13 27.00 -6.87 12.00
N GLU A 14 26.15 -7.40 11.13
CA GLU A 14 25.04 -6.64 10.57
C GLU A 14 24.09 -7.54 9.79
N THR A 15 22.89 -7.04 9.54
CA THR A 15 21.88 -7.80 8.80
C THR A 15 21.44 -7.04 7.56
N ARG A 16 21.08 -5.77 7.74
CA ARG A 16 20.63 -4.93 6.64
C ARG A 16 19.34 -5.47 6.04
N GLN A 17 18.33 -4.61 5.96
CA GLN A 17 17.04 -5.00 5.40
C GLN A 17 17.12 -5.19 3.90
N LYS A 18 15.98 -5.48 3.28
CA LYS A 18 15.94 -5.68 1.83
C LYS A 18 15.99 -4.34 1.10
N VAL A 19 15.87 -4.40 -0.23
CA VAL A 19 15.91 -3.20 -1.05
C VAL A 19 14.52 -2.84 -1.56
N ASP A 20 13.71 -3.85 -1.81
CA ASP A 20 12.36 -3.64 -2.30
C ASP A 20 11.38 -3.47 -1.15
N ASP A 21 10.78 -2.28 -1.07
CA ASP A 21 9.82 -1.99 0.00
C ASP A 21 8.64 -2.95 -0.04
N ASP A 22 7.68 -2.73 0.84
CA ASP A 22 6.50 -3.59 0.91
C ASP A 22 5.37 -2.90 1.66
N ARG A 23 5.70 -2.28 2.79
CA ARG A 23 4.72 -1.57 3.60
C ARG A 23 4.01 -0.49 2.78
N LYS A 24 4.68 0.00 1.75
CA LYS A 24 4.12 1.04 0.89
C LYS A 24 3.40 0.42 -0.31
N HIS A 25 2.57 -0.58 -0.04
CA HIS A 25 1.81 -1.26 -1.09
C HIS A 25 0.46 -1.72 -0.57
N GLU A 26 0.46 -2.34 0.60
CA GLU A 26 -0.77 -2.84 1.19
C GLU A 26 -1.76 -1.70 1.43
N ILE A 27 -1.23 -0.53 1.80
CA ILE A 27 -2.06 0.64 2.05
C ILE A 27 -2.61 1.21 0.76
N GLU A 28 -1.85 1.05 -0.33
CA GLU A 28 -2.27 1.55 -1.63
C GLU A 28 -3.44 0.73 -2.18
N ALA A 29 -3.37 -0.58 -2.00
CA ALA A 29 -4.41 -1.49 -2.47
C ALA A 29 -5.75 -1.17 -1.79
N ALA A 30 -5.69 -0.87 -0.49
CA ALA A 30 -6.88 -0.55 0.27
C ALA A 30 -7.59 0.67 -0.30
N ILE A 31 -6.81 1.69 -0.67
CA ILE A 31 -7.36 2.91 -1.23
C ILE A 31 -8.06 2.64 -2.55
N VAL A 32 -7.59 1.62 -3.27
CA VAL A 32 -8.17 1.27 -4.56
C VAL A 32 -9.52 0.55 -4.38
N ARG A 33 -9.59 -0.33 -3.40
CA ARG A 33 -10.81 -1.08 -3.13
C ARG A 33 -11.90 -0.17 -2.59
N ILE A 34 -11.53 0.70 -1.65
CA ILE A 34 -12.49 1.63 -1.06
C ILE A 34 -13.02 2.61 -2.10
N MET A 35 -12.12 3.15 -2.92
CA MET A 35 -12.50 4.10 -3.95
C MET A 35 -13.38 3.43 -5.01
N LYS A 36 -13.14 2.14 -5.23
CA LYS A 36 -13.92 1.37 -6.20
C LYS A 36 -15.39 1.33 -5.83
N SER A 37 -15.66 1.38 -4.53
CA SER A 37 -17.04 1.34 -4.03
C SER A 37 -17.51 2.74 -3.64
N ARG A 38 -16.81 3.34 -2.68
CA ARG A 38 -17.16 4.68 -2.21
C ARG A 38 -17.11 5.69 -3.34
N LYS A 39 -16.28 5.42 -4.34
CA LYS A 39 -16.13 6.31 -5.49
C LYS A 39 -15.53 7.65 -5.06
N LYS A 40 -16.37 8.51 -4.48
CA LYS A 40 -15.91 9.82 -4.02
C LYS A 40 -15.52 9.78 -2.54
N MET A 41 -14.34 10.29 -2.24
CA MET A 41 -13.85 10.31 -0.87
C MET A 41 -13.00 11.55 -0.60
N GLN A 42 -12.98 11.99 0.65
CA GLN A 42 -12.21 13.17 1.03
C GLN A 42 -10.78 12.78 1.42
N HIS A 43 -9.98 13.78 1.75
CA HIS A 43 -8.60 13.54 2.14
C HIS A 43 -8.52 12.85 3.50
N ASN A 44 -9.31 13.32 4.45
CA ASN A 44 -9.33 12.75 5.80
C ASN A 44 -10.07 11.42 5.80
N VAL A 45 -11.19 11.35 5.09
CA VAL A 45 -11.98 10.14 5.02
C VAL A 45 -11.15 8.96 4.52
N LEU A 46 -10.46 9.16 3.40
CA LEU A 46 -9.62 8.11 2.82
C LEU A 46 -8.53 7.68 3.80
N VAL A 47 -7.83 8.67 4.35
CA VAL A 47 -6.76 8.40 5.30
C VAL A 47 -7.29 7.70 6.54
N ALA A 48 -8.38 8.23 7.09
CA ALA A 48 -8.99 7.66 8.28
C ALA A 48 -9.45 6.23 8.04
N GLU A 49 -10.17 6.02 6.93
CA GLU A 49 -10.68 4.70 6.58
C GLU A 49 -9.54 3.71 6.37
N VAL A 50 -8.59 4.07 5.53
CA VAL A 50 -7.44 3.21 5.24
C VAL A 50 -6.63 2.94 6.51
N THR A 51 -6.29 4.01 7.22
CA THR A 51 -5.49 3.89 8.44
C THR A 51 -6.23 3.04 9.48
N GLN A 52 -7.54 3.18 9.53
CA GLN A 52 -8.36 2.43 10.48
C GLN A 52 -8.63 1.02 9.98
N GLN A 53 -8.71 0.86 8.65
CA GLN A 53 -8.98 -0.43 8.05
C GLN A 53 -7.76 -1.35 8.18
N LEU A 54 -6.57 -0.77 8.09
CA LEU A 54 -5.33 -1.54 8.19
C LEU A 54 -4.67 -1.33 9.55
N LYS A 55 -5.49 -1.07 10.56
CA LYS A 55 -4.97 -0.86 11.92
C LYS A 55 -5.21 -2.10 12.78
N ALA A 56 -5.20 -3.27 12.15
CA ALA A 56 -5.40 -4.52 12.87
C ALA A 56 -4.12 -5.35 12.90
N ARG A 57 -3.33 -5.25 11.85
CA ARG A 57 -2.07 -5.98 11.75
C ARG A 57 -0.88 -5.08 12.02
N PHE A 58 -0.89 -3.90 11.41
CA PHE A 58 0.20 -2.94 11.58
C PHE A 58 -0.37 -1.55 11.90
N LEU A 59 0.53 -0.58 12.09
CA LEU A 59 0.14 0.78 12.40
C LEU A 59 0.37 1.69 11.19
N PRO A 60 -0.62 1.80 10.29
CA PRO A 60 -0.51 2.65 9.10
C PRO A 60 -0.55 4.13 9.44
N SER A 61 0.11 4.94 8.62
CA SER A 61 0.16 6.38 8.83
C SER A 61 -0.11 7.13 7.52
N PRO A 62 -0.67 8.34 7.61
CA PRO A 62 -0.98 9.17 6.43
C PRO A 62 0.27 9.47 5.61
N VAL A 63 1.40 9.56 6.28
CA VAL A 63 2.68 9.84 5.63
C VAL A 63 2.82 9.06 4.33
N VAL A 64 2.94 7.74 4.45
CA VAL A 64 3.09 6.88 3.28
C VAL A 64 1.84 6.95 2.41
N ILE A 65 0.69 7.15 3.04
CA ILE A 65 -0.57 7.24 2.32
C ILE A 65 -0.56 8.40 1.34
N LYS A 66 -0.02 9.54 1.77
CA LYS A 66 0.06 10.72 0.93
C LYS A 66 0.82 10.43 -0.36
N LYS A 67 1.90 9.65 -0.24
CA LYS A 67 2.72 9.29 -1.40
C LYS A 67 1.95 8.33 -2.32
N ARG A 68 1.09 7.51 -1.73
CA ARG A 68 0.30 6.55 -2.48
C ARG A 68 -0.72 7.26 -3.35
N ILE A 69 -1.31 8.32 -2.82
CA ILE A 69 -2.32 9.10 -3.54
C ILE A 69 -1.71 9.77 -4.77
N GLU A 70 -0.70 10.61 -4.55
CA GLU A 70 -0.04 11.31 -5.64
C GLU A 70 0.38 10.33 -6.74
N GLY A 71 0.65 9.09 -6.36
CA GLY A 71 1.05 8.09 -7.32
C GLY A 71 -0.15 7.42 -7.98
N LEU A 72 -1.22 7.25 -7.22
CA LEU A 72 -2.44 6.62 -7.74
C LEU A 72 -3.03 7.45 -8.86
N ILE A 73 -2.92 8.77 -8.75
CA ILE A 73 -3.46 9.68 -9.76
C ILE A 73 -2.63 9.61 -11.04
N GLU A 74 -1.34 9.35 -10.89
CA GLU A 74 -0.43 9.26 -12.03
C GLU A 74 -0.64 7.97 -12.81
N ARG A 75 -1.08 6.92 -12.11
CA ARG A 75 -1.30 5.63 -12.74
C ARG A 75 -2.76 5.49 -13.22
N GLU A 76 -3.47 6.61 -13.28
CA GLU A 76 -4.86 6.60 -13.73
C GLU A 76 -5.73 5.77 -12.80
N TYR A 77 -5.95 6.27 -11.58
CA TYR A 77 -6.77 5.58 -10.60
C TYR A 77 -7.60 6.58 -9.80
N LEU A 78 -6.93 7.56 -9.20
CA LEU A 78 -7.60 8.58 -8.41
C LEU A 78 -7.37 9.96 -9.01
N ALA A 79 -8.07 10.96 -8.48
CA ALA A 79 -7.94 12.33 -8.96
C ALA A 79 -8.68 13.30 -8.06
N ARG A 80 -8.14 14.51 -7.94
CA ARG A 80 -8.75 15.54 -7.11
C ARG A 80 -9.94 16.19 -7.81
N THR A 81 -10.76 16.89 -7.05
CA THR A 81 -11.93 17.56 -7.59
C THR A 81 -11.62 19.04 -7.87
N PRO A 82 -12.35 19.65 -8.84
CA PRO A 82 -12.15 21.05 -9.20
C PRO A 82 -12.62 22.01 -8.11
N GLU A 83 -13.76 21.67 -7.49
CA GLU A 83 -14.32 22.49 -6.43
C GLU A 83 -13.34 22.62 -5.26
N ASP A 84 -12.81 21.48 -4.83
CA ASP A 84 -11.86 21.45 -3.72
C ASP A 84 -10.68 20.53 -4.02
N ARG A 85 -9.52 20.85 -3.47
CA ARG A 85 -8.32 20.06 -3.68
C ARG A 85 -8.08 19.11 -2.51
N LYS A 86 -9.16 18.70 -1.86
CA LYS A 86 -9.06 17.79 -0.72
C LYS A 86 -10.04 16.62 -0.86
N VAL A 87 -10.45 16.34 -2.09
CA VAL A 87 -11.38 15.26 -2.36
C VAL A 87 -10.95 14.46 -3.58
N TYR A 88 -10.67 13.18 -3.38
CA TYR A 88 -10.25 12.30 -4.47
C TYR A 88 -11.44 11.55 -5.06
N THR A 89 -11.28 11.11 -6.30
CA THR A 89 -12.33 10.37 -7.00
C THR A 89 -11.75 9.26 -7.85
N TYR A 90 -12.45 8.13 -7.92
CA TYR A 90 -12.00 6.99 -8.71
C TYR A 90 -12.28 7.22 -10.19
N VAL A 91 -11.22 7.41 -10.97
CA VAL A 91 -11.35 7.63 -12.40
C VAL A 91 -10.78 6.46 -13.20
N ALA A 92 -10.96 5.26 -12.66
CA ALA A 92 -10.46 4.05 -13.33
C ALA A 92 -11.51 2.95 -13.30
N MET A 1 44.67 -25.69 -10.67
CA MET A 1 44.63 -24.25 -10.41
C MET A 1 43.58 -23.93 -9.35
N ALA A 2 42.38 -24.47 -9.53
CA ALA A 2 41.28 -24.23 -8.60
C ALA A 2 40.94 -22.76 -8.50
N ALA A 3 39.94 -22.43 -7.69
CA ALA A 3 39.52 -21.05 -7.51
C ALA A 3 38.43 -20.93 -6.45
N LYS A 4 38.27 -19.74 -5.90
CA LYS A 4 37.26 -19.49 -4.88
C LYS A 4 36.43 -18.26 -5.21
N GLN A 5 36.26 -17.99 -6.50
CA GLN A 5 35.49 -16.83 -6.95
C GLN A 5 34.66 -17.19 -8.17
N GLY A 6 33.41 -16.73 -8.17
CA GLY A 6 32.52 -17.00 -9.29
C GLY A 6 31.35 -17.89 -8.90
N GLU A 7 30.31 -17.88 -9.73
CA GLU A 7 29.12 -18.70 -9.46
C GLU A 7 28.48 -18.29 -8.14
N SER A 8 27.25 -18.76 -7.91
CA SER A 8 26.52 -18.45 -6.69
C SER A 8 27.29 -18.95 -5.46
N ASP A 9 27.18 -18.19 -4.37
CA ASP A 9 27.86 -18.56 -3.13
C ASP A 9 27.46 -17.61 -1.99
N PRO A 10 27.77 -16.31 -2.12
CA PRO A 10 27.44 -15.31 -1.10
C PRO A 10 25.95 -14.97 -1.09
N GLU A 11 25.43 -14.67 0.09
CA GLU A 11 24.03 -14.33 0.25
C GLU A 11 23.84 -13.25 1.31
N ARG A 12 24.74 -12.28 1.32
CA ARG A 12 24.68 -11.18 2.29
C ARG A 12 24.27 -9.88 1.60
N LYS A 13 23.37 -9.14 2.25
CA LYS A 13 22.91 -7.87 1.70
C LYS A 13 23.37 -6.70 2.57
N GLU A 14 22.94 -5.50 2.21
CA GLU A 14 23.31 -4.30 2.95
C GLU A 14 22.34 -4.04 4.10
N THR A 15 21.13 -4.59 3.98
CA THR A 15 20.12 -4.41 5.01
C THR A 15 19.79 -5.75 5.68
N ARG A 16 19.77 -6.81 4.87
CA ARG A 16 19.48 -8.14 5.38
C ARG A 16 18.08 -8.19 6.00
N GLN A 17 17.68 -9.38 6.43
CA GLN A 17 16.36 -9.56 7.04
C GLN A 17 15.26 -9.20 6.05
N LYS A 18 14.72 -10.21 5.39
CA LYS A 18 13.64 -10.00 4.41
C LYS A 18 12.54 -11.03 4.60
N VAL A 19 11.56 -10.69 5.44
CA VAL A 19 10.43 -11.59 5.70
C VAL A 19 9.29 -11.31 4.75
N ASP A 20 9.09 -10.04 4.39
CA ASP A 20 8.03 -9.65 3.49
C ASP A 20 8.12 -8.17 3.13
N ASP A 21 7.35 -7.74 2.15
CA ASP A 21 7.35 -6.34 1.72
C ASP A 21 5.98 -5.95 1.18
N ASP A 22 4.93 -6.48 1.81
CA ASP A 22 3.56 -6.17 1.39
C ASP A 22 2.97 -5.03 2.22
N ARG A 23 3.75 -4.52 3.17
CA ARG A 23 3.29 -3.42 4.02
C ARG A 23 3.12 -2.14 3.21
N LYS A 24 3.99 -1.94 2.24
CA LYS A 24 3.94 -0.75 1.39
C LYS A 24 2.85 -0.88 0.33
N HIS A 25 2.55 -2.11 -0.06
CA HIS A 25 1.52 -2.37 -1.07
C HIS A 25 0.16 -2.56 -0.42
N GLU A 26 0.15 -3.05 0.81
CA GLU A 26 -1.09 -3.28 1.55
C GLU A 26 -1.88 -1.99 1.69
N ILE A 27 -1.18 -0.88 1.88
CA ILE A 27 -1.83 0.42 2.04
C ILE A 27 -2.27 0.98 0.70
N GLU A 28 -1.47 0.73 -0.33
CA GLU A 28 -1.78 1.20 -1.68
C GLU A 28 -3.02 0.52 -2.23
N ALA A 29 -3.12 -0.80 -1.99
CA ALA A 29 -4.26 -1.57 -2.46
C ALA A 29 -5.52 -1.18 -1.71
N ALA A 30 -5.37 -0.84 -0.44
CA ALA A 30 -6.51 -0.45 0.39
C ALA A 30 -7.23 0.76 -0.21
N ILE A 31 -6.46 1.72 -0.70
CA ILE A 31 -7.03 2.93 -1.30
C ILE A 31 -7.80 2.60 -2.56
N VAL A 32 -7.17 1.84 -3.46
CA VAL A 32 -7.79 1.45 -4.71
C VAL A 32 -9.03 0.59 -4.47
N ARG A 33 -9.03 -0.15 -3.37
CA ARG A 33 -10.15 -1.01 -3.03
C ARG A 33 -11.37 -0.19 -2.59
N ILE A 34 -11.13 0.78 -1.72
CA ILE A 34 -12.21 1.63 -1.22
C ILE A 34 -12.73 2.57 -2.32
N MET A 35 -11.81 3.21 -3.03
CA MET A 35 -12.19 4.13 -4.09
C MET A 35 -13.02 3.44 -5.16
N LYS A 36 -12.80 2.13 -5.33
CA LYS A 36 -13.54 1.35 -6.32
C LYS A 36 -15.02 1.29 -5.97
N SER A 37 -15.34 1.51 -4.70
CA SER A 37 -16.73 1.47 -4.25
C SER A 37 -17.25 2.88 -3.96
N ARG A 38 -16.65 3.54 -2.98
CA ARG A 38 -17.05 4.88 -2.59
C ARG A 38 -16.85 5.88 -3.74
N LYS A 39 -15.89 5.58 -4.61
CA LYS A 39 -15.59 6.45 -5.74
C LYS A 39 -15.04 7.80 -5.27
N LYS A 40 -15.92 8.65 -4.78
CA LYS A 40 -15.52 9.96 -4.30
C LYS A 40 -15.22 9.92 -2.80
N MET A 41 -14.10 10.52 -2.41
CA MET A 41 -13.70 10.54 -1.00
C MET A 41 -12.84 11.77 -0.71
N GLN A 42 -12.80 12.17 0.55
CA GLN A 42 -12.01 13.32 0.97
C GLN A 42 -10.65 12.89 1.50
N HIS A 43 -9.87 13.86 1.97
CA HIS A 43 -8.54 13.57 2.50
C HIS A 43 -8.63 12.83 3.83
N ASN A 44 -9.39 13.40 4.77
CA ASN A 44 -9.56 12.79 6.08
C ASN A 44 -10.39 11.51 5.99
N VAL A 45 -11.46 11.56 5.20
CA VAL A 45 -12.34 10.40 5.03
C VAL A 45 -11.55 9.20 4.52
N LEU A 46 -10.82 9.39 3.43
CA LEU A 46 -10.03 8.32 2.84
C LEU A 46 -8.98 7.81 3.84
N VAL A 47 -8.19 8.72 4.38
CA VAL A 47 -7.17 8.37 5.35
C VAL A 47 -7.78 7.73 6.60
N ALA A 48 -9.01 8.14 6.92
CA ALA A 48 -9.70 7.60 8.09
C ALA A 48 -10.10 6.15 7.89
N GLU A 49 -10.43 5.80 6.65
CA GLU A 49 -10.83 4.44 6.31
C GLU A 49 -9.61 3.55 6.10
N VAL A 50 -8.70 4.00 5.26
CA VAL A 50 -7.49 3.24 4.96
C VAL A 50 -6.66 3.01 6.22
N THR A 51 -6.43 4.07 6.97
CA THR A 51 -5.65 3.99 8.20
C THR A 51 -6.31 3.05 9.20
N GLN A 52 -7.62 3.21 9.38
CA GLN A 52 -8.37 2.38 10.31
C GLN A 52 -8.50 0.95 9.79
N GLN A 53 -8.52 0.80 8.47
CA GLN A 53 -8.63 -0.52 7.84
C GLN A 53 -7.35 -1.32 8.02
N LEU A 54 -6.22 -0.62 8.12
CA LEU A 54 -4.93 -1.26 8.30
C LEU A 54 -4.30 -0.88 9.64
N LYS A 55 -5.14 -0.64 10.64
CA LYS A 55 -4.66 -0.26 11.96
C LYS A 55 -4.67 -1.45 12.91
N ALA A 56 -5.60 -2.38 12.68
CA ALA A 56 -5.72 -3.57 13.51
C ALA A 56 -4.49 -4.46 13.37
N ARG A 57 -3.86 -4.42 12.20
CA ARG A 57 -2.68 -5.22 11.95
C ARG A 57 -1.41 -4.47 12.36
N PHE A 58 -1.14 -3.35 11.70
CA PHE A 58 0.03 -2.55 12.01
C PHE A 58 -0.28 -1.06 11.90
N LEU A 59 0.73 -0.23 12.13
CA LEU A 59 0.56 1.22 12.06
C LEU A 59 1.19 1.78 10.78
N PRO A 60 0.41 1.85 9.70
CA PRO A 60 0.89 2.38 8.42
C PRO A 60 1.11 3.88 8.45
N SER A 61 0.16 4.60 9.03
CA SER A 61 0.25 6.06 9.13
C SER A 61 0.05 6.71 7.76
N PRO A 62 -0.65 7.86 7.72
CA PRO A 62 -0.91 8.58 6.46
C PRO A 62 0.37 8.93 5.72
N VAL A 63 1.46 9.09 6.47
CA VAL A 63 2.76 9.43 5.90
C VAL A 63 3.05 8.64 4.63
N VAL A 64 2.56 7.40 4.59
CA VAL A 64 2.78 6.53 3.44
C VAL A 64 1.58 6.56 2.51
N ILE A 65 0.39 6.69 3.07
CA ILE A 65 -0.84 6.74 2.29
C ILE A 65 -0.83 7.93 1.33
N LYS A 66 -0.36 9.08 1.83
CA LYS A 66 -0.30 10.29 1.03
C LYS A 66 0.55 10.07 -0.22
N LYS A 67 1.74 9.52 -0.04
CA LYS A 67 2.64 9.25 -1.16
C LYS A 67 2.04 8.21 -2.10
N ARG A 68 1.42 7.18 -1.52
CA ARG A 68 0.81 6.13 -2.31
C ARG A 68 -0.24 6.69 -3.26
N ILE A 69 -1.10 7.56 -2.73
CA ILE A 69 -2.15 8.18 -3.54
C ILE A 69 -1.55 9.01 -4.67
N GLU A 70 -0.46 9.72 -4.37
CA GLU A 70 0.20 10.56 -5.36
C GLU A 70 0.52 9.76 -6.62
N GLY A 71 0.90 8.50 -6.44
CA GLY A 71 1.22 7.65 -7.57
C GLY A 71 -0.02 7.17 -8.30
N LEU A 72 -1.12 7.04 -7.57
CA LEU A 72 -2.38 6.59 -8.16
C LEU A 72 -2.96 7.64 -9.10
N ILE A 73 -2.90 8.90 -8.67
CA ILE A 73 -3.43 9.99 -9.47
C ILE A 73 -2.74 10.04 -10.83
N GLU A 74 -1.43 9.78 -10.85
CA GLU A 74 -0.65 9.78 -12.07
C GLU A 74 -0.95 8.54 -12.93
N ARG A 75 -1.44 7.48 -12.27
CA ARG A 75 -1.76 6.25 -12.97
C ARG A 75 -3.22 6.21 -13.41
N GLU A 76 -3.86 7.38 -13.44
CA GLU A 76 -5.25 7.47 -13.84
C GLU A 76 -6.16 6.70 -12.89
N TYR A 77 -5.70 6.49 -11.66
CA TYR A 77 -6.48 5.76 -10.66
C TYR A 77 -7.36 6.72 -9.87
N LEU A 78 -6.75 7.76 -9.32
CA LEU A 78 -7.48 8.76 -8.55
C LEU A 78 -7.35 10.14 -9.17
N ALA A 79 -8.08 11.10 -8.63
CA ALA A 79 -8.05 12.47 -9.14
C ALA A 79 -8.71 13.44 -8.17
N ARG A 80 -8.44 14.72 -8.34
CA ARG A 80 -9.01 15.75 -7.47
C ARG A 80 -10.34 16.25 -8.02
N THR A 81 -11.19 16.77 -7.14
CA THR A 81 -12.49 17.27 -7.54
C THR A 81 -12.40 18.73 -8.01
N PRO A 82 -13.30 19.14 -8.92
CA PRO A 82 -13.31 20.51 -9.45
C PRO A 82 -13.74 21.52 -8.39
N GLU A 83 -14.54 21.07 -7.43
CA GLU A 83 -15.02 21.95 -6.36
C GLU A 83 -13.90 22.30 -5.39
N ASP A 84 -13.45 21.30 -4.63
CA ASP A 84 -12.39 21.50 -3.65
C ASP A 84 -11.10 20.82 -4.11
N ARG A 85 -10.02 21.08 -3.39
CA ARG A 85 -8.72 20.50 -3.72
C ARG A 85 -8.37 19.37 -2.75
N LYS A 86 -9.03 19.36 -1.59
CA LYS A 86 -8.77 18.34 -0.59
C LYS A 86 -9.78 17.19 -0.70
N VAL A 87 -10.13 16.84 -1.94
CA VAL A 87 -11.08 15.76 -2.19
C VAL A 87 -10.66 14.94 -3.41
N TYR A 88 -10.49 13.64 -3.20
CA TYR A 88 -10.08 12.75 -4.29
C TYR A 88 -11.28 11.99 -4.84
N THR A 89 -11.13 11.46 -6.05
CA THR A 89 -12.21 10.71 -6.70
C THR A 89 -11.64 9.50 -7.45
N TYR A 90 -12.53 8.59 -7.82
CA TYR A 90 -12.12 7.38 -8.54
C TYR A 90 -12.52 7.47 -10.02
N VAL A 91 -11.52 7.58 -10.88
CA VAL A 91 -11.76 7.67 -12.32
C VAL A 91 -11.19 6.46 -13.06
N ALA A 92 -11.17 5.32 -12.38
CA ALA A 92 -10.65 4.10 -12.97
C ALA A 92 -11.75 3.04 -13.07
#